data_3R6M
#
_entry.id   3R6M
#
_cell.length_a   81.733
_cell.length_b   63.844
_cell.length_c   82.271
_cell.angle_alpha   90.000
_cell.angle_beta   104.940
_cell.angle_gamma   90.000
#
_symmetry.space_group_name_H-M   'P 1 21 1'
#
_entity_poly.entity_id   1
_entity_poly.type   'polypeptide(L)'
_entity_poly.pdbx_seq_one_letter_code
;SAKILAIDTATENCSVALLVNDQVISRSEVAPRDHTKKVLPMVDEVLKEAGLTLQDLDALAFGRGPGSFTGVRIGIGIAQ
GLAFGAELPMIGVSTLAAMAQASYRLHGATDVAVAIDARMSEVYWARYSRQENGEWIGVDEECVIPPARLAEEAQADSKT
WTTAGTGWSAYQEELAGLPFNTADSEVLYPDSQDIVILAKQELEKGNTVPVEE
;
_entity_poly.pdbx_strand_id   A,B,C,D
#
# COMPACT_ATOMS: atom_id res chain seq x y z
N ALA A 2 -10.22 31.81 -13.90
CA ALA A 2 -10.30 30.47 -13.28
C ALA A 2 -8.93 29.87 -12.93
N LYS A 3 -8.06 30.65 -12.29
CA LYS A 3 -6.67 30.24 -12.15
C LYS A 3 -6.41 29.59 -10.79
N ILE A 4 -6.36 28.24 -10.75
CA ILE A 4 -6.17 27.45 -9.48
C ILE A 4 -4.93 26.51 -9.47
N LEU A 5 -4.16 26.53 -8.39
CA LEU A 5 -3.03 25.61 -8.24
C LEU A 5 -3.27 24.67 -7.08
N ALA A 6 -3.22 23.39 -7.37
CA ALA A 6 -3.41 22.35 -6.33
C ALA A 6 -2.12 21.59 -5.99
N ILE A 7 -2.04 21.20 -4.73
CA ILE A 7 -0.99 20.35 -4.21
C ILE A 7 -1.67 19.12 -3.60
N ASP A 8 -1.05 17.95 -3.77
CA ASP A 8 -1.47 16.78 -3.01
C ASP A 8 -0.31 15.92 -2.50
N THR A 9 -0.35 15.53 -1.25
CA THR A 9 0.74 14.76 -0.74
C THR A 9 0.25 13.60 0.11
N ALA A 10 -0.98 13.18 -0.20
CA ALA A 10 -1.71 12.27 0.70
C ALA A 10 -1.29 10.78 0.69
N THR A 11 -0.94 10.24 -0.46
CA THR A 11 -0.69 8.82 -0.54
C THR A 11 0.70 8.67 -1.07
N GLU A 12 0.93 7.69 -1.95
CA GLU A 12 2.29 7.41 -2.39
C GLU A 12 2.59 8.32 -3.53
N ASN A 13 1.57 9.08 -3.96
CA ASN A 13 1.63 9.85 -5.18
C ASN A 13 1.68 11.30 -4.80
N CYS A 14 2.77 11.98 -5.16
CA CYS A 14 2.99 13.39 -4.87
C CYS A 14 2.62 14.15 -6.10
N SER A 15 1.62 15.02 -6.06
CA SER A 15 1.19 15.65 -7.31
C SER A 15 0.79 17.10 -7.20
N VAL A 16 1.06 17.83 -8.29
CA VAL A 16 0.90 19.27 -8.37
C VAL A 16 0.38 19.56 -9.73
N ALA A 17 -0.67 20.37 -9.83
CA ALA A 17 -1.17 20.73 -11.15
C ALA A 17 -1.76 22.14 -11.12
N LEU A 18 -2.14 22.63 -12.31
CA LEU A 18 -2.50 24.02 -12.49
C LEU A 18 -3.50 24.21 -13.59
N LEU A 19 -4.67 24.72 -13.24
CA LEU A 19 -5.70 25.02 -14.22
C LEU A 19 -5.56 26.47 -14.58
N VAL A 20 -5.27 26.74 -15.85
CA VAL A 20 -5.33 28.09 -16.35
C VAL A 20 -6.23 28.04 -17.59
N ASN A 21 -7.51 28.36 -17.35
CA ASN A 21 -8.56 28.35 -18.36
C ASN A 21 -8.65 27.05 -19.12
N ASP A 22 -9.21 26.04 -18.47
CA ASP A 22 -9.50 24.73 -19.10
C ASP A 22 -8.28 24.13 -19.78
N GLN A 23 -7.18 24.11 -19.05
CA GLN A 23 -5.94 23.65 -19.59
C GLN A 23 -5.16 23.22 -18.39
N VAL A 24 -5.22 21.94 -18.03
CA VAL A 24 -4.55 21.50 -16.80
C VAL A 24 -3.23 20.89 -17.15
N ILE A 25 -2.16 21.61 -16.82
CA ILE A 25 -0.82 21.06 -16.99
C ILE A 25 -0.46 20.39 -15.66
N SER A 26 -0.29 19.08 -15.72
CA SER A 26 -0.23 18.24 -14.55
C SER A 26 1.19 17.84 -14.33
N ARG A 27 1.62 17.83 -13.07
CA ARG A 27 2.83 17.11 -12.73
C ARG A 27 2.53 16.05 -11.66
N SER A 28 3.18 14.90 -11.80
CA SER A 28 2.99 13.78 -10.87
C SER A 28 4.29 13.02 -10.67
N GLU A 29 4.43 12.46 -9.49
CA GLU A 29 5.54 11.60 -9.17
C GLU A 29 5.11 10.64 -8.08
N VAL A 30 5.25 9.36 -8.40
CA VAL A 30 4.92 8.29 -7.47
C VAL A 30 6.12 8.16 -6.50
N ALA A 31 5.92 8.76 -5.33
CA ALA A 31 6.99 9.23 -4.44
C ALA A 31 7.49 8.23 -3.41
N PRO A 32 8.55 8.62 -2.65
CA PRO A 32 9.27 7.75 -1.68
C PRO A 32 8.96 8.05 -0.19
N ARG A 33 9.97 7.79 0.64
CA ARG A 33 10.00 8.22 2.05
C ARG A 33 9.90 9.76 2.24
N ASP A 34 10.22 10.54 1.22
CA ASP A 34 10.11 11.98 1.38
C ASP A 34 9.21 12.63 0.36
N HIS A 35 8.91 13.91 0.60
CA HIS A 35 7.94 14.68 -0.19
C HIS A 35 8.35 16.13 -0.46
N THR A 36 8.88 16.81 0.56
CA THR A 36 9.20 18.24 0.44
C THR A 36 9.94 18.50 -0.89
N LYS A 37 11.01 17.71 -1.06
CA LYS A 37 12.05 17.88 -2.08
C LYS A 37 11.50 17.88 -3.49
N LYS A 38 10.29 17.37 -3.67
CA LYS A 38 9.69 17.32 -5.00
C LYS A 38 8.52 18.28 -5.20
N VAL A 39 7.94 18.73 -4.10
CA VAL A 39 6.70 19.47 -4.22
C VAL A 39 6.95 20.87 -4.72
N LEU A 40 7.90 21.59 -4.13
CA LEU A 40 8.21 22.94 -4.66
C LEU A 40 8.61 22.94 -6.14
N PRO A 41 9.69 22.20 -6.51
CA PRO A 41 10.17 22.23 -7.88
C PRO A 41 9.04 22.04 -8.89
N MET A 42 8.14 21.12 -8.58
CA MET A 42 7.00 20.87 -9.44
C MET A 42 6.09 22.09 -9.56
N VAL A 43 5.81 22.74 -8.42
CA VAL A 43 4.99 23.97 -8.41
C VAL A 43 5.67 25.05 -9.25
N ASP A 44 7.00 25.12 -9.14
CA ASP A 44 7.82 25.96 -10.02
C ASP A 44 7.70 25.58 -11.51
N GLU A 45 7.84 24.28 -11.81
CA GLU A 45 7.74 23.77 -13.19
C GLU A 45 6.42 24.18 -13.80
N VAL A 46 5.34 23.66 -13.22
CA VAL A 46 3.95 24.08 -13.48
C VAL A 46 3.78 25.59 -13.86
N LEU A 47 4.39 26.48 -13.10
CA LEU A 47 4.14 27.89 -13.28
C LEU A 47 4.95 28.53 -14.42
N LYS A 48 6.21 28.13 -14.56
CA LYS A 48 7.03 28.63 -15.66
C LYS A 48 6.40 28.21 -16.99
N GLU A 49 6.00 26.95 -17.10
CA GLU A 49 5.24 26.43 -18.25
C GLU A 49 3.80 26.96 -18.21
N ALA A 50 3.64 28.27 -17.98
CA ALA A 50 2.34 28.93 -17.93
C ALA A 50 2.45 30.43 -17.66
N GLY A 51 3.65 30.88 -17.31
CA GLY A 51 3.89 32.32 -17.10
C GLY A 51 3.08 32.98 -16.00
N LEU A 52 2.48 32.19 -15.12
CA LEU A 52 1.76 32.72 -13.97
C LEU A 52 2.68 32.77 -12.75
N THR A 53 2.32 33.63 -11.78
CA THR A 53 2.94 33.65 -10.46
C THR A 53 1.88 33.32 -9.42
N LEU A 54 2.32 33.09 -8.17
CA LEU A 54 1.38 32.71 -7.12
C LEU A 54 0.26 33.76 -6.98
N GLN A 55 0.62 35.03 -7.09
CA GLN A 55 -0.40 36.04 -6.94
C GLN A 55 -1.20 36.23 -8.22
N ASP A 56 -0.86 35.50 -9.28
CA ASP A 56 -1.70 35.43 -10.48
C ASP A 56 -2.96 34.59 -10.21
N LEU A 57 -2.75 33.40 -9.62
CA LEU A 57 -3.82 32.45 -9.27
C LEU A 57 -4.91 33.06 -8.38
N ASP A 58 -6.16 32.62 -8.53
CA ASP A 58 -7.21 33.14 -7.65
C ASP A 58 -7.71 32.13 -6.58
N ALA A 59 -6.98 31.04 -6.38
CA ALA A 59 -7.28 30.03 -5.36
C ALA A 59 -6.15 29.02 -5.32
N LEU A 60 -5.85 28.50 -4.14
CA LEU A 60 -4.89 27.40 -3.99
C LEU A 60 -5.57 26.24 -3.28
N ALA A 61 -5.67 25.10 -3.95
CA ALA A 61 -6.41 23.96 -3.45
C ALA A 61 -5.45 22.91 -2.91
N PHE A 62 -5.98 21.94 -2.15
CA PHE A 62 -5.16 20.89 -1.57
C PHE A 62 -5.96 19.65 -1.22
N GLY A 63 -5.31 18.50 -1.30
CA GLY A 63 -5.87 17.32 -0.71
C GLY A 63 -5.94 17.57 0.79
N ARG A 64 -7.18 17.54 1.31
CA ARG A 64 -7.44 17.58 2.74
C ARG A 64 -7.27 16.21 3.43
N GLY A 65 -6.97 15.15 2.69
CA GLY A 65 -6.99 13.81 3.30
C GLY A 65 -8.36 13.13 3.22
N PRO A 66 -8.50 11.89 3.74
CA PRO A 66 -7.59 11.08 4.49
C PRO A 66 -6.44 10.63 3.62
N GLY A 67 -5.56 9.82 4.19
CA GLY A 67 -4.30 9.53 3.56
C GLY A 67 -3.23 9.46 4.66
N SER A 68 -1.96 9.48 4.29
CA SER A 68 -0.96 9.30 5.28
C SER A 68 -0.82 10.51 6.22
N PHE A 69 -0.85 10.25 7.51
CA PHE A 69 -0.75 11.29 8.51
C PHE A 69 0.34 12.29 8.22
N THR A 70 1.57 11.83 8.04
CA THR A 70 2.67 12.82 7.91
C THR A 70 2.47 13.52 6.61
N GLY A 71 2.17 12.73 5.58
CA GLY A 71 2.07 13.22 4.23
C GLY A 71 1.06 14.33 4.20
N VAL A 72 -0.14 14.01 4.64
CA VAL A 72 -1.26 14.92 4.47
C VAL A 72 -0.99 16.21 5.23
N ARG A 73 -0.36 16.14 6.39
CA ARG A 73 0.08 17.40 7.00
C ARG A 73 1.08 18.13 6.13
N ILE A 74 2.27 17.61 5.90
CA ILE A 74 3.22 18.25 4.98
C ILE A 74 2.65 19.09 3.77
N GLY A 75 1.85 18.50 2.92
CA GLY A 75 1.30 19.26 1.77
C GLY A 75 0.44 20.44 2.23
N ILE A 76 -0.51 20.18 3.14
CA ILE A 76 -1.29 21.23 3.75
C ILE A 76 -0.33 22.37 4.23
N GLY A 77 0.72 22.00 4.94
CA GLY A 77 1.77 22.94 5.31
C GLY A 77 2.40 23.79 4.20
N ILE A 78 2.58 23.22 3.01
CA ILE A 78 3.17 24.02 1.95
C ILE A 78 2.04 24.81 1.36
N ALA A 79 0.91 24.18 1.14
CA ALA A 79 -0.23 24.88 0.56
C ALA A 79 -0.68 26.09 1.41
N GLN A 80 -0.36 26.13 2.72
CA GLN A 80 -0.62 27.37 3.52
C GLN A 80 0.49 28.36 3.29
N GLY A 81 1.72 27.96 3.59
CA GLY A 81 2.93 28.70 3.19
C GLY A 81 2.74 29.48 1.90
N LEU A 82 2.42 28.82 0.78
CA LEU A 82 2.29 29.52 -0.51
C LEU A 82 1.04 30.41 -0.58
N ALA A 83 -0.07 29.92 -0.04
CA ALA A 83 -1.25 30.77 0.04
C ALA A 83 -0.92 32.08 0.72
N PHE A 84 -0.46 31.99 1.97
CA PHE A 84 -0.22 33.14 2.82
C PHE A 84 0.49 34.31 2.11
N GLY A 85 1.48 33.97 1.27
CA GLY A 85 2.35 34.96 0.59
C GLY A 85 1.82 35.57 -0.73
N ALA A 86 0.78 34.98 -1.26
CA ALA A 86 0.11 35.55 -2.38
C ALA A 86 -1.30 35.94 -1.93
N GLU A 87 -1.49 36.04 -0.60
CA GLU A 87 -2.81 36.37 0.02
C GLU A 87 -4.03 35.58 -0.50
N LEU A 88 -3.80 34.34 -0.96
CA LEU A 88 -4.81 33.51 -1.64
C LEU A 88 -5.86 32.91 -0.71
N PRO A 89 -7.11 32.80 -1.19
CA PRO A 89 -8.11 32.00 -0.48
C PRO A 89 -7.67 30.57 -0.65
N MET A 90 -8.26 29.64 0.07
CA MET A 90 -7.90 28.22 -0.13
C MET A 90 -9.07 27.25 -0.31
N ILE A 91 -8.79 26.05 -0.80
CA ILE A 91 -9.81 25.03 -1.07
C ILE A 91 -9.32 23.61 -0.73
N GLY A 92 -9.80 23.07 0.41
CA GLY A 92 -9.51 21.67 0.79
C GLY A 92 -10.38 20.74 -0.03
N VAL A 93 -9.85 19.58 -0.40
CA VAL A 93 -10.54 18.70 -1.34
C VAL A 93 -10.35 17.26 -0.91
N SER A 94 -11.45 16.49 -0.89
CA SER A 94 -11.41 15.14 -0.35
C SER A 94 -10.60 14.17 -1.20
N THR A 95 -9.56 13.55 -0.63
CA THR A 95 -8.81 12.52 -1.38
C THR A 95 -9.76 11.48 -2.00
N LEU A 96 -10.84 11.16 -1.30
CA LEU A 96 -11.71 10.09 -1.80
C LEU A 96 -12.45 10.55 -3.07
N ALA A 97 -13.15 11.67 -2.95
CA ALA A 97 -13.90 12.22 -4.07
C ALA A 97 -12.91 12.55 -5.15
N ALA A 98 -11.74 13.00 -4.74
CA ALA A 98 -10.66 13.22 -5.69
C ALA A 98 -10.47 11.97 -6.59
N MET A 99 -10.42 10.81 -5.98
CA MET A 99 -10.18 9.61 -6.78
C MET A 99 -11.39 9.20 -7.55
N ALA A 100 -12.56 9.70 -7.14
CA ALA A 100 -13.76 9.49 -7.93
C ALA A 100 -13.64 10.24 -9.28
N GLN A 101 -13.12 11.46 -9.25
CA GLN A 101 -12.94 12.24 -10.46
C GLN A 101 -12.00 11.53 -11.46
N ALA A 102 -10.86 11.07 -10.97
CA ALA A 102 -9.92 10.34 -11.82
C ALA A 102 -10.67 9.20 -12.57
N SER A 103 -11.48 8.45 -11.82
CA SER A 103 -12.26 7.32 -12.36
C SER A 103 -13.24 7.78 -13.46
N TYR A 104 -13.65 9.06 -13.42
CA TYR A 104 -14.43 9.60 -14.54
C TYR A 104 -13.43 9.87 -15.63
N ARG A 105 -12.37 10.58 -15.29
CA ARG A 105 -11.41 11.05 -16.26
C ARG A 105 -10.89 9.98 -17.23
N LEU A 106 -10.80 8.75 -16.75
CA LEU A 106 -10.23 7.67 -17.54
C LEU A 106 -11.27 6.65 -18.01
N HIS A 107 -12.28 6.42 -17.17
CA HIS A 107 -13.20 5.33 -17.37
C HIS A 107 -14.62 5.80 -17.62
N GLY A 108 -14.90 7.06 -17.31
CA GLY A 108 -16.23 7.65 -17.43
C GLY A 108 -17.24 6.96 -16.52
N ALA A 109 -16.89 6.87 -15.25
CA ALA A 109 -17.73 6.13 -14.31
C ALA A 109 -18.51 7.13 -13.51
N THR A 110 -19.79 6.87 -13.29
CA THR A 110 -20.57 7.77 -12.46
C THR A 110 -20.76 7.17 -11.10
N ASP A 111 -20.53 5.87 -10.99
CA ASP A 111 -20.60 5.17 -9.71
C ASP A 111 -19.27 4.69 -9.10
N VAL A 112 -18.76 5.47 -8.14
CA VAL A 112 -17.42 5.22 -7.60
C VAL A 112 -17.39 4.82 -6.13
N ALA A 113 -16.59 3.81 -5.88
CA ALA A 113 -16.43 3.33 -4.56
C ALA A 113 -14.95 3.47 -4.28
N VAL A 114 -14.63 4.40 -3.39
CA VAL A 114 -13.25 4.70 -3.05
C VAL A 114 -12.92 4.01 -1.76
N ALA A 115 -11.81 3.27 -1.76
CA ALA A 115 -11.35 2.63 -0.54
C ALA A 115 -9.90 2.80 -0.55
N ILE A 116 -9.41 3.48 0.49
CA ILE A 116 -8.00 3.74 0.66
C ILE A 116 -7.51 2.89 1.82
N ASP A 117 -6.34 2.27 1.68
CA ASP A 117 -5.81 1.40 2.73
C ASP A 117 -5.30 2.19 3.95
N ALA A 118 -6.18 2.43 4.93
CA ALA A 118 -5.71 3.06 6.17
C ALA A 118 -4.61 2.17 6.73
N ARG A 119 -3.91 2.57 7.79
CA ARG A 119 -2.99 1.59 8.31
C ARG A 119 -3.69 0.74 9.36
N MET A 120 -2.94 -0.14 10.01
CA MET A 120 -3.46 -1.01 11.04
C MET A 120 -4.93 -1.53 10.78
N SER A 121 -5.11 -2.22 9.67
CA SER A 121 -6.28 -3.07 9.42
C SER A 121 -7.59 -2.38 9.15
N GLU A 122 -7.55 -1.08 8.91
CA GLU A 122 -8.76 -0.34 8.62
C GLU A 122 -8.66 0.30 7.24
N VAL A 123 -9.76 0.89 6.78
CA VAL A 123 -9.82 1.44 5.45
C VAL A 123 -10.49 2.83 5.47
N TYR A 124 -10.01 3.77 4.67
CA TYR A 124 -10.73 5.03 4.51
C TYR A 124 -11.62 4.80 3.38
N TRP A 125 -12.90 5.04 3.58
CA TRP A 125 -13.93 4.72 2.59
C TRP A 125 -15.03 5.75 2.41
N ALA A 126 -15.40 5.96 1.15
CA ALA A 126 -16.62 6.68 0.80
C ALA A 126 -17.16 6.09 -0.48
N ARG A 127 -18.40 6.44 -0.83
CA ARG A 127 -18.99 6.19 -2.19
C ARG A 127 -19.61 7.45 -2.67
N TYR A 128 -19.29 7.82 -3.89
CA TYR A 128 -19.90 8.98 -4.52
C TYR A 128 -20.62 8.62 -5.81
N SER A 129 -21.49 9.52 -6.25
CA SER A 129 -22.34 9.30 -7.40
C SER A 129 -22.50 10.62 -8.18
N ARG A 130 -21.99 10.62 -9.41
CA ARG A 130 -22.00 11.79 -10.26
C ARG A 130 -23.44 12.22 -10.60
N GLN A 131 -23.86 13.39 -10.09
CA GLN A 131 -25.18 13.95 -10.42
C GLN A 131 -25.07 14.78 -11.71
N GLU A 132 -26.22 15.08 -12.32
CA GLU A 132 -26.33 15.74 -13.64
C GLU A 132 -25.40 16.95 -13.85
N ASN A 133 -25.35 17.82 -12.85
CA ASN A 133 -24.46 18.99 -12.83
C ASN A 133 -22.97 18.70 -13.04
N GLY A 134 -22.53 17.52 -12.60
CA GLY A 134 -21.10 17.16 -12.63
C GLY A 134 -20.55 17.06 -11.21
N GLU A 135 -21.42 17.40 -10.25
CA GLU A 135 -21.14 17.28 -8.83
C GLU A 135 -21.21 15.80 -8.43
N TRP A 136 -20.84 15.48 -7.18
CA TRP A 136 -20.95 14.10 -6.72
C TRP A 136 -21.79 13.92 -5.45
N ILE A 137 -23.04 13.46 -5.59
CA ILE A 137 -23.86 13.08 -4.42
C ILE A 137 -23.07 12.09 -3.54
N GLY A 138 -22.93 12.39 -2.26
CA GLY A 138 -22.28 11.46 -1.35
C GLY A 138 -23.18 10.29 -1.00
N VAL A 139 -23.00 9.16 -1.71
CA VAL A 139 -23.82 7.96 -1.50
C VAL A 139 -23.49 7.29 -0.18
N ASP A 140 -22.34 7.62 0.37
CA ASP A 140 -21.99 7.17 1.72
C ASP A 140 -21.05 8.22 2.31
N GLU A 141 -21.25 8.52 3.59
CA GLU A 141 -20.40 9.46 4.31
C GLU A 141 -18.96 8.95 4.42
N GLU A 142 -18.01 9.90 4.46
CA GLU A 142 -16.59 9.56 4.57
C GLU A 142 -16.38 8.84 5.89
N CYS A 143 -15.75 7.66 5.85
CA CYS A 143 -15.56 6.84 7.06
C CYS A 143 -14.13 6.31 7.19
N VAL A 144 -13.83 5.70 8.34
CA VAL A 144 -12.65 4.85 8.51
C VAL A 144 -13.12 3.57 9.21
N ILE A 145 -13.14 2.47 8.47
CA ILE A 145 -13.71 1.22 8.99
C ILE A 145 -12.74 0.05 8.80
N PRO A 146 -12.84 -0.95 9.69
CA PRO A 146 -12.21 -2.23 9.42
C PRO A 146 -13.11 -2.92 8.41
N PRO A 147 -12.55 -3.32 7.23
CA PRO A 147 -13.32 -3.71 6.04
C PRO A 147 -14.34 -4.80 6.35
N ALA A 148 -13.93 -5.75 7.19
CA ALA A 148 -14.87 -6.71 7.76
C ALA A 148 -16.22 -6.04 8.13
N ARG A 149 -16.21 -5.10 9.09
CA ARG A 149 -17.44 -4.42 9.56
C ARG A 149 -18.20 -3.75 8.44
N LEU A 150 -17.46 -3.13 7.51
CA LEU A 150 -18.05 -2.50 6.34
C LEU A 150 -18.98 -3.48 5.60
N ALA A 151 -18.48 -4.68 5.37
CA ALA A 151 -19.21 -5.71 4.65
C ALA A 151 -20.60 -6.02 5.25
N GLU A 152 -20.69 -6.12 6.58
CA GLU A 152 -21.96 -6.52 7.24
C GLU A 152 -22.90 -5.36 7.57
N GLU A 153 -22.34 -4.14 7.61
CA GLU A 153 -23.11 -2.88 7.55
C GLU A 153 -23.58 -2.63 6.10
N ALA A 154 -24.55 -1.73 5.96
CA ALA A 154 -25.05 -1.30 4.64
C ALA A 154 -25.17 -2.42 3.60
N GLN A 155 -26.38 -2.96 3.49
CA GLN A 155 -26.75 -3.81 2.37
C GLN A 155 -26.69 -2.90 1.16
N ALA A 156 -27.19 -1.68 1.37
CA ALA A 156 -27.39 -0.65 0.34
C ALA A 156 -28.05 -1.13 -0.97
N ASP A 157 -27.37 -0.86 -2.08
CA ASP A 157 -28.00 -0.87 -3.40
C ASP A 157 -27.80 -2.12 -4.26
N SER A 158 -28.03 -1.94 -5.56
CA SER A 158 -27.65 -2.88 -6.61
C SER A 158 -27.28 -2.07 -7.86
N LYS A 159 -25.98 -1.83 -8.00
CA LYS A 159 -25.41 -0.93 -8.99
C LYS A 159 -23.96 -1.27 -9.23
N THR A 160 -23.44 -0.89 -10.39
CA THR A 160 -22.05 -1.17 -10.77
C THR A 160 -21.08 -0.06 -10.34
N TRP A 161 -20.50 -0.22 -9.14
CA TRP A 161 -19.51 0.73 -8.59
C TRP A 161 -18.10 0.37 -9.04
N THR A 162 -17.44 1.30 -9.74
CA THR A 162 -16.03 1.12 -10.08
C THR A 162 -15.21 1.48 -8.86
N THR A 163 -14.44 0.51 -8.42
CA THR A 163 -13.69 0.56 -7.20
C THR A 163 -12.41 1.30 -7.47
N ALA A 164 -12.03 2.21 -6.57
CA ALA A 164 -10.68 2.80 -6.64
C ALA A 164 -9.93 2.87 -5.32
N GLY A 165 -8.63 3.14 -5.42
CA GLY A 165 -7.80 3.30 -4.21
C GLY A 165 -7.32 1.96 -3.66
N THR A 166 -6.41 2.02 -2.69
CA THR A 166 -5.63 0.86 -2.29
C THR A 166 -6.28 -0.07 -1.29
N GLY A 167 -7.48 0.25 -0.84
CA GLY A 167 -8.19 -0.65 0.03
C GLY A 167 -8.38 -1.96 -0.69
N TRP A 168 -8.92 -1.86 -1.91
CA TRP A 168 -9.36 -3.00 -2.69
C TRP A 168 -8.34 -4.10 -2.76
N SER A 169 -7.09 -3.73 -2.97
CA SER A 169 -6.08 -4.74 -3.24
C SER A 169 -5.39 -5.17 -1.98
N ALA A 170 -5.78 -4.57 -0.86
CA ALA A 170 -5.16 -4.89 0.41
C ALA A 170 -6.10 -5.66 1.31
N TYR A 171 -7.38 -5.70 0.94
CA TYR A 171 -8.39 -6.47 1.68
C TYR A 171 -9.42 -7.03 0.70
N GLN A 172 -9.05 -8.02 -0.08
CA GLN A 172 -9.98 -8.52 -1.07
C GLN A 172 -10.93 -9.46 -0.34
N GLU A 173 -10.38 -10.57 0.19
CA GLU A 173 -11.14 -11.45 1.06
C GLU A 173 -12.28 -10.69 1.72
N GLU A 174 -12.02 -9.51 2.28
CA GLU A 174 -13.01 -8.81 3.10
C GLU A 174 -13.94 -7.84 2.36
N LEU A 175 -13.39 -7.07 1.43
CA LEU A 175 -14.23 -6.26 0.56
C LEU A 175 -14.95 -7.12 -0.46
N ALA A 176 -14.61 -8.41 -0.52
CA ALA A 176 -15.22 -9.31 -1.47
C ALA A 176 -16.66 -9.58 -1.04
N GLY A 177 -16.99 -9.15 0.18
CA GLY A 177 -18.26 -9.51 0.80
C GLY A 177 -19.37 -8.48 0.91
N LEU A 178 -19.89 -7.99 -0.22
CA LEU A 178 -21.29 -7.53 -0.29
C LEU A 178 -21.73 -7.25 -1.71
N PRO A 179 -22.88 -7.85 -2.13
CA PRO A 179 -23.37 -7.50 -3.46
C PRO A 179 -23.54 -5.98 -3.63
N PHE A 180 -22.49 -5.38 -4.15
CA PHE A 180 -22.60 -4.25 -5.02
C PHE A 180 -21.89 -4.81 -6.24
N ASN A 181 -22.34 -4.46 -7.44
CA ASN A 181 -21.49 -4.69 -8.61
C ASN A 181 -20.27 -3.79 -8.61
N THR A 182 -19.20 -4.32 -9.20
CA THR A 182 -17.87 -3.74 -9.07
C THR A 182 -17.07 -3.90 -10.35
N ALA A 183 -16.15 -2.97 -10.58
CA ALA A 183 -15.31 -2.99 -11.77
C ALA A 183 -13.93 -2.43 -11.42
N ASP A 184 -12.90 -3.20 -11.80
CA ASP A 184 -11.49 -2.80 -11.72
C ASP A 184 -11.27 -1.39 -12.23
N SER A 185 -10.16 -0.74 -11.85
CA SER A 185 -10.02 0.66 -12.20
C SER A 185 -8.69 1.27 -12.72
N GLU A 186 -7.56 0.58 -12.56
CA GLU A 186 -6.25 1.19 -12.93
C GLU A 186 -5.91 2.49 -12.15
N VAL A 187 -6.73 2.80 -11.10
CA VAL A 187 -6.62 4.02 -10.26
C VAL A 187 -6.17 3.67 -8.87
N LEU A 188 -5.16 4.34 -8.31
CA LEU A 188 -4.75 3.98 -6.96
C LEU A 188 -4.72 5.16 -6.00
N TYR A 189 -4.35 6.32 -6.49
CA TYR A 189 -4.08 7.40 -5.59
C TYR A 189 -4.78 8.58 -6.14
N PRO A 190 -5.04 9.60 -5.33
CA PRO A 190 -5.55 10.80 -5.98
C PRO A 190 -4.47 11.51 -6.80
N ASP A 191 -4.91 12.43 -7.68
CA ASP A 191 -4.03 13.27 -8.47
C ASP A 191 -4.50 14.70 -8.49
N SER A 192 -3.56 15.63 -8.44
CA SER A 192 -3.88 17.06 -8.55
C SER A 192 -4.54 17.47 -9.87
N GLN A 193 -4.38 16.67 -10.93
CA GLN A 193 -5.20 16.80 -12.12
C GLN A 193 -6.62 17.03 -11.67
N ASP A 194 -7.21 15.98 -11.10
CA ASP A 194 -8.63 15.98 -10.75
C ASP A 194 -9.00 16.93 -9.64
N ILE A 195 -8.16 16.96 -8.60
CA ILE A 195 -8.35 17.88 -7.46
C ILE A 195 -8.69 19.30 -7.89
N VAL A 196 -7.92 19.84 -8.82
CA VAL A 196 -8.21 21.13 -9.41
C VAL A 196 -9.66 21.24 -9.94
N ILE A 197 -10.07 20.31 -10.80
CA ILE A 197 -11.41 20.36 -11.44
C ILE A 197 -12.51 20.23 -10.38
N LEU A 198 -12.19 19.66 -9.22
CA LEU A 198 -13.12 19.66 -8.10
C LEU A 198 -13.16 21.05 -7.46
N ALA A 199 -11.97 21.66 -7.32
CA ALA A 199 -11.79 22.97 -6.69
C ALA A 199 -12.44 24.06 -7.53
N LYS A 200 -12.41 23.84 -8.84
CA LYS A 200 -12.90 24.83 -9.81
C LYS A 200 -14.39 25.03 -9.67
N GLN A 201 -15.04 24.11 -8.96
CA GLN A 201 -16.48 24.17 -8.75
C GLN A 201 -16.85 24.66 -7.34
N GLU A 202 -15.90 24.59 -6.42
CA GLU A 202 -16.09 25.14 -5.07
C GLU A 202 -16.11 26.64 -5.18
N LEU A 203 -15.22 27.18 -6.01
CA LEU A 203 -15.20 28.60 -6.28
C LEU A 203 -16.60 29.06 -6.71
N GLU A 204 -17.15 28.40 -7.73
CA GLU A 204 -18.45 28.74 -8.32
C GLU A 204 -19.64 28.51 -7.39
N LYS A 205 -19.37 27.98 -6.20
CA LYS A 205 -20.39 27.83 -5.16
C LYS A 205 -20.07 28.75 -3.97
N GLY A 206 -18.96 29.49 -4.09
CA GLY A 206 -18.49 30.39 -3.03
C GLY A 206 -18.13 29.65 -1.76
N ASN A 207 -17.43 28.54 -1.91
CA ASN A 207 -17.19 27.65 -0.79
C ASN A 207 -15.69 27.50 -0.42
N THR A 208 -15.01 28.64 -0.36
CA THR A 208 -13.60 28.67 0.04
C THR A 208 -13.44 29.23 1.45
N VAL A 209 -12.52 28.61 2.17
CA VAL A 209 -12.09 29.09 3.48
C VAL A 209 -11.18 30.31 3.27
N PRO A 210 -10.67 30.89 4.36
CA PRO A 210 -9.69 31.97 4.30
C PRO A 210 -8.30 31.46 3.88
N VAL A 211 -7.35 31.46 4.82
CA VAL A 211 -5.96 31.03 4.57
C VAL A 211 -5.44 30.28 5.77
N GLU A 212 -6.08 30.47 6.90
CA GLU A 212 -5.73 29.74 8.13
C GLU A 212 -6.87 28.78 8.55
N GLU A 213 -7.21 27.89 7.63
CA GLU A 213 -8.33 26.94 7.81
C GLU A 213 -8.17 25.94 8.97
N ALA B 2 17.54 -20.08 -24.57
CA ALA B 2 17.26 -19.34 -23.33
C ALA B 2 15.82 -18.84 -23.28
N LYS B 3 14.87 -19.73 -23.49
CA LYS B 3 13.49 -19.30 -23.60
C LYS B 3 12.74 -19.45 -22.27
N ILE B 4 12.53 -18.34 -21.54
CA ILE B 4 11.85 -18.35 -20.20
C ILE B 4 10.60 -17.44 -20.09
N LEU B 5 9.49 -17.99 -19.54
CA LEU B 5 8.28 -17.21 -19.33
C LEU B 5 8.06 -17.12 -17.86
N ALA B 6 7.90 -15.89 -17.37
CA ALA B 6 7.67 -15.62 -15.96
C ALA B 6 6.30 -14.99 -15.69
N ILE B 7 5.71 -15.38 -14.56
CA ILE B 7 4.49 -14.78 -14.02
C ILE B 7 4.79 -14.16 -12.63
N ASP B 8 4.11 -13.03 -12.31
CA ASP B 8 4.15 -12.52 -10.96
C ASP B 8 2.81 -11.98 -10.52
N THR B 9 2.38 -12.35 -9.34
CA THR B 9 1.13 -11.85 -8.90
C THR B 9 1.17 -11.38 -7.44
N ALA B 10 2.36 -10.94 -7.03
CA ALA B 10 2.68 -10.79 -5.60
C ALA B 10 2.12 -9.52 -4.93
N THR B 11 2.19 -8.40 -5.64
CA THR B 11 1.81 -7.12 -5.06
C THR B 11 0.65 -6.56 -5.85
N GLU B 12 0.64 -5.24 -6.09
CA GLU B 12 -0.51 -4.63 -6.72
C GLU B 12 -0.32 -4.72 -8.21
N ASN B 13 0.85 -5.22 -8.60
CA ASN B 13 1.31 -5.20 -9.99
C ASN B 13 1.31 -6.61 -10.51
N CYS B 14 0.46 -6.87 -11.52
CA CYS B 14 0.27 -8.18 -12.11
C CYS B 14 1.14 -8.13 -13.32
N SER B 15 2.15 -9.00 -13.44
CA SER B 15 3.03 -8.88 -14.61
C SER B 15 3.50 -10.19 -15.20
N VAL B 16 3.69 -10.20 -16.51
CA VAL B 16 4.01 -11.41 -17.26
C VAL B 16 5.01 -10.99 -18.29
N ALA B 17 6.11 -11.73 -18.44
CA ALA B 17 7.08 -11.35 -19.46
C ALA B 17 7.79 -12.57 -20.03
N LEU B 18 8.54 -12.38 -21.12
CA LEU B 18 9.08 -13.50 -21.88
C LEU B 18 10.43 -13.14 -22.47
N LEU B 19 11.46 -13.90 -22.08
CA LEU B 19 12.78 -13.76 -22.67
C LEU B 19 12.91 -14.77 -23.78
N VAL B 20 13.09 -14.28 -25.00
CA VAL B 20 13.45 -15.13 -26.10
C VAL B 20 14.70 -14.49 -26.71
N ASN B 21 15.84 -15.03 -26.29
CA ASN B 21 17.17 -14.58 -26.69
C ASN B 21 17.39 -13.09 -26.53
N ASP B 22 17.61 -12.67 -25.29
CA ASP B 22 17.96 -11.26 -24.99
C ASP B 22 16.98 -10.25 -25.57
N GLN B 23 15.70 -10.51 -25.33
CA GLN B 23 14.65 -9.73 -25.92
C GLN B 23 13.47 -9.95 -25.00
N VAL B 24 13.30 -9.08 -24.04
CA VAL B 24 12.21 -9.28 -23.08
C VAL B 24 11.02 -8.43 -23.46
N ILE B 25 9.99 -9.09 -24.02
CA ILE B 25 8.75 -8.39 -24.29
C ILE B 25 7.92 -8.52 -23.02
N SER B 26 7.65 -7.37 -22.40
CA SER B 26 7.10 -7.32 -21.05
C SER B 26 5.64 -6.98 -21.14
N ARG B 27 4.83 -7.59 -20.30
CA ARG B 27 3.49 -7.07 -20.10
C ARG B 27 3.28 -6.80 -18.62
N SER B 28 2.61 -5.68 -18.32
CA SER B 28 2.34 -5.28 -16.92
C SER B 28 0.98 -4.63 -16.79
N GLU B 29 0.39 -4.82 -15.62
CA GLU B 29 -0.84 -4.14 -15.30
C GLU B 29 -0.89 -3.97 -13.78
N VAL B 30 -0.98 -2.71 -13.37
CA VAL B 30 -1.14 -2.35 -11.98
C VAL B 30 -2.61 -2.61 -11.58
N ALA B 31 -2.78 -3.76 -10.93
CA ALA B 31 -4.05 -4.52 -10.88
C ALA B 31 -4.96 -4.19 -9.71
N PRO B 32 -6.15 -4.83 -9.67
CA PRO B 32 -7.24 -4.56 -8.69
C PRO B 32 -7.43 -5.63 -7.58
N ARG B 33 -8.68 -5.74 -7.12
CA ARG B 33 -9.16 -6.88 -6.32
C ARG B 33 -8.98 -8.28 -7.00
N ASP B 34 -8.83 -8.33 -8.32
CA ASP B 34 -8.62 -9.62 -8.93
C ASP B 34 -7.39 -9.71 -9.78
N HIS B 35 -7.06 -10.95 -10.20
CA HIS B 35 -5.80 -11.28 -10.90
C HIS B 35 -5.95 -12.29 -12.02
N THR B 36 -6.70 -13.37 -11.77
CA THR B 36 -6.83 -14.46 -12.75
C THR B 36 -7.02 -13.84 -14.14
N LYS B 37 -8.05 -12.98 -14.21
CA LYS B 37 -8.65 -12.46 -15.44
C LYS B 37 -7.67 -11.76 -16.37
N LYS B 38 -6.52 -11.38 -15.83
CA LYS B 38 -5.56 -10.69 -16.65
C LYS B 38 -4.28 -11.48 -16.88
N VAL B 39 -4.08 -12.51 -16.07
CA VAL B 39 -2.83 -13.20 -16.15
C VAL B 39 -2.75 -14.06 -17.39
N LEU B 40 -3.76 -14.87 -17.66
CA LEU B 40 -3.72 -15.68 -18.88
C LEU B 40 -3.61 -14.85 -20.14
N PRO B 41 -4.57 -13.93 -20.40
CA PRO B 41 -4.52 -13.14 -21.62
C PRO B 41 -3.16 -12.54 -21.92
N MET B 42 -2.49 -12.08 -20.87
CA MET B 42 -1.13 -11.52 -21.01
C MET B 42 -0.12 -12.58 -21.45
N VAL B 43 -0.15 -13.75 -20.84
CA VAL B 43 0.71 -14.86 -21.26
C VAL B 43 0.46 -15.24 -22.75
N ASP B 44 -0.81 -15.27 -23.14
CA ASP B 44 -1.21 -15.37 -24.54
C ASP B 44 -0.63 -14.23 -25.44
N GLU B 45 -0.78 -12.98 -25.00
CA GLU B 45 -0.27 -11.82 -25.74
C GLU B 45 1.20 -12.00 -25.98
N VAL B 46 1.98 -11.99 -24.89
CA VAL B 46 3.41 -12.32 -24.86
C VAL B 46 3.86 -13.37 -25.91
N LEU B 47 3.14 -14.48 -26.00
CA LEU B 47 3.55 -15.59 -26.83
C LEU B 47 3.24 -15.40 -28.31
N LYS B 48 2.07 -14.85 -28.62
CA LYS B 48 1.71 -14.56 -30.01
C LYS B 48 2.72 -13.57 -30.60
N GLU B 49 3.00 -12.52 -29.84
CA GLU B 49 4.03 -11.54 -30.18
C GLU B 49 5.43 -12.15 -29.95
N ALA B 50 5.65 -13.36 -30.49
CA ALA B 50 6.91 -14.11 -30.37
C ALA B 50 6.87 -15.50 -31.03
N GLY B 51 5.67 -15.96 -31.39
CA GLY B 51 5.51 -17.24 -32.06
C GLY B 51 5.97 -18.48 -31.32
N LEU B 52 6.14 -18.35 -30.01
CA LEU B 52 6.46 -19.48 -29.12
C LEU B 52 5.20 -20.10 -28.52
N THR B 53 5.28 -21.37 -28.14
CA THR B 53 4.24 -22.05 -27.37
C THR B 53 4.84 -22.42 -26.04
N LEU B 54 4.01 -22.90 -25.14
CA LEU B 54 4.49 -23.28 -23.82
C LEU B 54 5.62 -24.29 -23.92
N GLN B 55 5.43 -25.31 -24.74
CA GLN B 55 6.46 -26.32 -24.90
C GLN B 55 7.66 -25.85 -25.72
N ASP B 56 7.61 -24.63 -26.26
CA ASP B 56 8.80 -23.97 -26.81
C ASP B 56 9.80 -23.57 -25.71
N LEU B 57 9.28 -22.88 -24.68
CA LEU B 57 10.06 -22.39 -23.53
C LEU B 57 10.82 -23.53 -22.82
N ASP B 58 12.01 -23.22 -22.29
CA ASP B 58 12.73 -24.25 -21.54
C ASP B 58 12.76 -24.05 -20.03
N ALA B 59 11.90 -23.18 -19.52
CA ALA B 59 11.73 -22.93 -18.09
C ALA B 59 10.55 -21.98 -17.92
N LEU B 60 9.83 -22.13 -16.81
CA LEU B 60 8.77 -21.20 -16.42
C LEU B 60 8.99 -20.71 -14.99
N ALA B 61 9.18 -19.41 -14.85
CA ALA B 61 9.59 -18.82 -13.60
C ALA B 61 8.43 -18.07 -12.93
N PHE B 62 8.61 -17.71 -11.65
CA PHE B 62 7.54 -17.10 -10.89
C PHE B 62 8.05 -16.36 -9.65
N GLY B 63 7.33 -15.31 -9.31
CA GLY B 63 7.52 -14.66 -8.01
C GLY B 63 7.11 -15.63 -6.90
N ARG B 64 8.11 -16.01 -6.09
CA ARG B 64 7.86 -16.93 -5.00
C ARG B 64 7.34 -16.17 -3.79
N GLY B 65 7.17 -14.85 -3.88
CA GLY B 65 6.85 -14.12 -2.61
C GLY B 65 8.11 -13.67 -1.84
N PRO B 66 7.92 -12.92 -0.73
CA PRO B 66 6.76 -12.51 -0.04
C PRO B 66 5.94 -11.55 -0.83
N GLY B 67 4.85 -11.07 -0.26
CA GLY B 67 3.83 -10.36 -0.99
C GLY B 67 2.46 -10.78 -0.48
N SER B 68 1.40 -10.44 -1.21
CA SER B 68 0.08 -10.74 -0.71
C SER B 68 -0.19 -12.23 -0.74
N PHE B 69 -0.71 -12.72 0.38
CA PHE B 69 -0.99 -14.11 0.57
C PHE B 69 -1.82 -14.70 -0.52
N THR B 70 -2.99 -14.12 -0.79
CA THR B 70 -3.82 -14.71 -1.86
C THR B 70 -3.09 -14.59 -3.19
N GLY B 71 -2.55 -13.39 -3.43
CA GLY B 71 -1.98 -13.07 -4.68
C GLY B 71 -0.87 -14.03 -4.98
N VAL B 72 0.04 -14.17 -4.03
CA VAL B 72 1.22 -14.96 -4.33
C VAL B 72 0.83 -16.42 -4.56
N ARG B 73 -0.17 -16.91 -3.85
CA ARG B 73 -0.61 -18.24 -4.15
C ARG B 73 -1.23 -18.37 -5.54
N ILE B 74 -2.30 -17.64 -5.85
CA ILE B 74 -2.82 -17.60 -7.24
C ILE B 74 -1.77 -17.65 -8.40
N GLY B 75 -0.80 -16.77 -8.45
CA GLY B 75 0.15 -16.86 -9.57
C GLY B 75 0.93 -18.18 -9.60
N ILE B 76 1.55 -18.56 -8.48
CA ILE B 76 2.18 -19.87 -8.35
C ILE B 76 1.22 -20.94 -8.91
N GLY B 77 -0.04 -20.91 -8.49
CA GLY B 77 -1.07 -21.78 -9.05
C GLY B 77 -1.22 -21.82 -10.55
N ILE B 78 -0.98 -20.71 -11.25
CA ILE B 78 -1.12 -20.74 -12.68
C ILE B 78 0.20 -21.23 -13.20
N ALA B 79 1.26 -20.70 -12.60
CA ALA B 79 2.61 -21.03 -13.04
C ALA B 79 2.85 -22.58 -12.97
N GLN B 80 2.15 -23.29 -12.05
CA GLN B 80 2.23 -24.76 -12.03
C GLN B 80 1.35 -25.39 -13.10
N GLY B 81 0.04 -25.11 -13.08
CA GLY B 81 -0.86 -25.38 -14.21
C GLY B 81 -0.15 -25.30 -15.58
N LEU B 82 0.43 -24.16 -15.95
CA LEU B 82 1.05 -24.09 -17.27
C LEU B 82 2.35 -24.89 -17.39
N ALA B 83 3.16 -24.94 -16.33
CA ALA B 83 4.37 -25.77 -16.40
C ALA B 83 3.96 -27.17 -16.74
N PHE B 84 3.10 -27.76 -15.88
CA PHE B 84 2.70 -29.16 -15.90
C PHE B 84 2.36 -29.69 -17.31
N GLY B 85 1.72 -28.81 -18.10
CA GLY B 85 1.20 -29.14 -19.42
C GLY B 85 2.21 -29.02 -20.55
N ALA B 86 3.29 -28.30 -20.29
CA ALA B 86 4.39 -28.28 -21.23
C ALA B 86 5.58 -29.09 -20.66
N GLU B 87 5.31 -29.87 -19.61
CA GLU B 87 6.35 -30.60 -18.88
C GLU B 87 7.60 -29.77 -18.48
N LEU B 88 7.41 -28.48 -18.20
CA LEU B 88 8.52 -27.56 -17.94
C LEU B 88 9.11 -27.63 -16.53
N PRO B 89 10.44 -27.46 -16.41
CA PRO B 89 11.06 -27.27 -15.08
C PRO B 89 10.63 -25.93 -14.61
N MET B 90 10.83 -25.60 -13.33
CA MET B 90 10.38 -24.27 -12.84
C MET B 90 11.42 -23.50 -12.05
N ILE B 91 11.19 -22.20 -11.89
CA ILE B 91 12.12 -21.33 -11.17
C ILE B 91 11.35 -20.31 -10.29
N GLY B 92 11.43 -20.48 -8.97
CA GLY B 92 10.88 -19.51 -8.04
C GLY B 92 11.88 -18.39 -7.85
N VAL B 93 11.41 -17.16 -7.74
CA VAL B 93 12.29 -16.02 -7.69
C VAL B 93 11.79 -15.02 -6.65
N SER B 94 12.71 -14.51 -5.83
CA SER B 94 12.34 -13.64 -4.70
C SER B 94 11.81 -12.29 -5.12
N THR B 95 10.60 -11.96 -4.62
CA THR B 95 10.04 -10.62 -4.92
C THR B 95 11.03 -9.49 -4.53
N LEU B 96 11.75 -9.70 -3.44
CA LEU B 96 12.64 -8.64 -2.96
C LEU B 96 13.80 -8.44 -3.93
N ALA B 97 14.53 -9.52 -4.20
CA ALA B 97 15.66 -9.47 -5.11
C ALA B 97 15.16 -9.08 -6.49
N ALA B 98 13.95 -9.55 -6.82
CA ALA B 98 13.32 -9.09 -8.05
C ALA B 98 13.30 -7.54 -8.13
N MET B 99 12.95 -6.88 -7.03
CA MET B 99 12.88 -5.44 -7.05
C MET B 99 14.25 -4.81 -6.98
N ALA B 100 15.25 -5.60 -6.57
CA ALA B 100 16.62 -5.10 -6.64
C ALA B 100 17.00 -4.92 -8.12
N GLN B 101 16.66 -5.92 -8.96
CA GLN B 101 16.96 -5.89 -10.38
C GLN B 101 16.33 -4.71 -11.09
N ALA B 102 15.05 -4.47 -10.83
CA ALA B 102 14.38 -3.28 -11.37
C ALA B 102 15.19 -1.99 -11.07
N SER B 103 15.65 -1.89 -9.81
CA SER B 103 16.44 -0.75 -9.36
C SER B 103 17.80 -0.62 -10.12
N TYR B 104 18.34 -1.73 -10.64
CA TYR B 104 19.48 -1.66 -11.57
C TYR B 104 18.98 -1.16 -12.91
N ARG B 105 17.94 -1.84 -13.41
CA ARG B 105 17.42 -1.59 -14.74
C ARG B 105 17.14 -0.11 -15.05
N LEU B 106 16.75 0.65 -14.04
CA LEU B 106 16.37 2.04 -14.23
C LEU B 106 17.41 3.02 -13.70
N HIS B 107 18.02 2.65 -12.58
CA HIS B 107 18.84 3.59 -11.84
C HIS B 107 20.30 3.18 -11.77
N GLY B 108 20.59 1.93 -12.14
CA GLY B 108 21.95 1.37 -12.09
C GLY B 108 22.51 1.34 -10.69
N ALA B 109 21.75 0.77 -9.76
CA ALA B 109 22.14 0.78 -8.36
C ALA B 109 22.68 -0.59 -8.02
N THR B 110 23.78 -0.63 -7.29
CA THR B 110 24.32 -1.92 -6.88
C THR B 110 23.95 -2.18 -5.46
N ASP B 111 23.57 -1.13 -4.76
CA ASP B 111 23.15 -1.25 -3.37
C ASP B 111 21.64 -1.03 -3.07
N VAL B 112 20.90 -2.12 -2.93
CA VAL B 112 19.44 -2.07 -2.88
C VAL B 112 18.87 -2.54 -1.56
N ALA B 113 17.95 -1.75 -1.07
CA ALA B 113 17.31 -2.05 0.17
C ALA B 113 15.83 -2.19 -0.16
N VAL B 114 15.35 -3.42 -0.11
CA VAL B 114 13.99 -3.68 -0.51
C VAL B 114 13.20 -3.74 0.77
N ALA B 115 12.11 -2.97 0.80
CA ALA B 115 11.16 -3.07 1.91
C ALA B 115 9.80 -3.11 1.30
N ILE B 116 9.05 -4.17 1.61
CA ILE B 116 7.70 -4.36 1.10
C ILE B 116 6.78 -4.22 2.28
N ASP B 117 5.67 -3.49 2.12
CA ASP B 117 4.76 -3.31 3.26
C ASP B 117 3.98 -4.58 3.53
N ALA B 118 4.48 -5.42 4.43
CA ALA B 118 3.66 -6.55 4.90
C ALA B 118 2.33 -5.98 5.44
N ARG B 119 1.39 -6.82 5.89
CA ARG B 119 0.22 -6.19 6.49
C ARG B 119 0.43 -6.09 8.01
N MET B 120 -0.60 -5.63 8.72
CA MET B 120 -0.56 -5.54 10.16
C MET B 120 0.83 -5.16 10.74
N SER B 121 1.34 -4.01 10.29
CA SER B 121 2.42 -3.25 10.97
C SER B 121 3.82 -3.81 10.81
N GLU B 122 4.00 -4.75 9.89
CA GLU B 122 5.31 -5.36 9.71
C GLU B 122 5.72 -5.17 8.28
N VAL B 123 6.97 -5.52 7.98
CA VAL B 123 7.57 -5.26 6.69
C VAL B 123 8.31 -6.54 6.16
N TYR B 124 8.21 -6.81 4.86
CA TYR B 124 9.10 -7.82 4.29
C TYR B 124 10.27 -7.02 3.91
N TRP B 125 11.42 -7.50 4.32
CA TRP B 125 12.69 -6.79 4.07
C TRP B 125 13.86 -7.70 3.73
N ALA B 126 14.67 -7.24 2.78
CA ALA B 126 16.02 -7.79 2.54
C ALA B 126 16.89 -6.67 2.03
N ARG B 127 18.21 -6.89 1.99
CA ARG B 127 19.18 -6.01 1.31
C ARG B 127 20.08 -6.86 0.45
N TYR B 128 20.20 -6.49 -0.81
CA TYR B 128 21.10 -7.18 -1.71
C TYR B 128 22.17 -6.24 -2.27
N SER B 129 23.23 -6.85 -2.80
CA SER B 129 24.40 -6.14 -3.27
C SER B 129 24.95 -6.82 -4.52
N ARG B 130 24.93 -6.08 -5.61
CA ARG B 130 25.34 -6.60 -6.92
C ARG B 130 26.84 -6.95 -6.92
N GLN B 131 27.16 -8.24 -7.03
CA GLN B 131 28.56 -8.66 -7.14
C GLN B 131 28.96 -8.64 -8.62
N GLU B 132 30.28 -8.72 -8.87
CA GLU B 132 30.88 -8.55 -10.21
C GLU B 132 30.22 -9.36 -11.34
N ASN B 133 29.91 -10.61 -11.04
CA ASN B 133 29.21 -11.50 -11.97
C ASN B 133 27.86 -10.97 -12.49
N GLY B 134 27.17 -10.19 -11.68
CA GLY B 134 25.81 -9.73 -11.99
C GLY B 134 24.82 -10.36 -11.02
N GLU B 135 25.34 -11.25 -10.19
CA GLU B 135 24.61 -11.89 -9.10
C GLU B 135 24.36 -10.86 -7.95
N TRP B 136 23.58 -11.23 -6.94
CA TRP B 136 23.38 -10.34 -5.81
C TRP B 136 23.71 -10.96 -4.45
N ILE B 137 24.88 -10.67 -3.89
CA ILE B 137 25.22 -11.08 -2.50
C ILE B 137 24.07 -10.64 -1.59
N GLY B 138 23.53 -11.56 -0.79
CA GLY B 138 22.52 -11.21 0.19
C GLY B 138 23.11 -10.52 1.42
N VAL B 139 23.08 -9.19 1.44
CA VAL B 139 23.66 -8.39 2.53
C VAL B 139 22.86 -8.55 3.81
N ASP B 140 21.61 -8.94 3.68
CA ASP B 140 20.78 -9.29 4.82
C ASP B 140 19.79 -10.37 4.38
N GLU B 141 19.58 -11.36 5.24
CA GLU B 141 18.64 -12.44 4.98
C GLU B 141 17.20 -11.93 4.83
N GLU B 142 16.39 -12.62 4.04
CA GLU B 142 14.99 -12.23 3.88
C GLU B 142 14.26 -12.34 5.23
N CYS B 143 13.58 -11.26 5.62
CA CYS B 143 12.88 -11.18 6.92
C CYS B 143 11.44 -10.63 6.82
N VAL B 144 10.71 -10.76 7.91
CA VAL B 144 9.49 -9.99 8.08
C VAL B 144 9.57 -9.36 9.47
N ILE B 145 9.73 -8.05 9.52
CA ILE B 145 9.96 -7.37 10.81
C ILE B 145 8.96 -6.23 11.04
N PRO B 146 8.70 -5.88 12.30
CA PRO B 146 8.07 -4.60 12.53
C PRO B 146 9.21 -3.59 12.42
N PRO B 147 9.06 -2.59 11.49
CA PRO B 147 10.15 -1.67 11.09
C PRO B 147 10.85 -1.02 12.29
N ALA B 148 10.07 -0.63 13.29
CA ALA B 148 10.63 -0.23 14.58
C ALA B 148 11.85 -1.12 14.95
N ARG B 149 11.63 -2.44 15.12
CA ARG B 149 12.67 -3.41 15.55
C ARG B 149 13.84 -3.47 14.59
N LEU B 150 13.53 -3.34 13.31
CA LEU B 150 14.55 -3.29 12.27
C LEU B 150 15.57 -2.19 12.56
N ALA B 151 15.06 -1.00 12.85
CA ALA B 151 15.91 0.16 13.12
C ALA B 151 16.95 -0.05 14.23
N GLU B 152 16.57 -0.70 15.33
CA GLU B 152 17.49 -0.87 16.49
C GLU B 152 18.37 -2.13 16.43
N GLU B 153 17.94 -3.09 15.60
CA GLU B 153 18.79 -4.19 15.12
C GLU B 153 19.75 -3.67 14.04
N ALA B 154 20.79 -4.44 13.73
CA ALA B 154 21.77 -4.13 12.69
C ALA B 154 22.14 -2.64 12.53
N GLN B 155 23.24 -2.26 13.17
CA GLN B 155 23.89 -0.98 12.90
C GLN B 155 24.35 -1.07 11.45
N ALA B 156 24.89 -2.25 11.12
CA ALA B 156 25.50 -2.57 9.83
C ALA B 156 26.49 -1.53 9.31
N ASP B 157 26.28 -1.09 8.07
CA ASP B 157 27.31 -0.45 7.27
C ASP B 157 27.31 1.08 7.24
N SER B 158 28.01 1.61 6.22
CA SER B 158 27.90 3.01 5.78
C SER B 158 28.06 3.04 4.25
N LYS B 159 26.92 3.08 3.57
CA LYS B 159 26.81 2.92 2.11
C LYS B 159 25.49 3.50 1.63
N THR B 160 25.44 3.88 0.36
CA THR B 160 24.22 4.45 -0.24
C THR B 160 23.25 3.40 -0.84
N TRP B 161 22.29 2.95 -0.02
CA TRP B 161 21.28 1.98 -0.44
C TRP B 161 20.09 2.68 -1.07
N THR B 162 19.86 2.41 -2.35
CA THR B 162 18.60 2.82 -2.99
C THR B 162 17.46 1.94 -2.50
N THR B 163 16.48 2.63 -1.94
CA THR B 163 15.35 2.01 -1.29
C THR B 163 14.30 1.66 -2.31
N ALA B 164 13.77 0.45 -2.23
CA ALA B 164 12.61 0.06 -3.06
C ALA B 164 11.42 -0.64 -2.32
N GLY B 165 10.28 -0.68 -3.00
CA GLY B 165 9.09 -1.35 -2.49
C GLY B 165 8.37 -0.50 -1.48
N THR B 166 7.17 -0.94 -1.10
CA THR B 166 6.19 -0.10 -0.39
C THR B 166 6.39 0.06 1.08
N GLY B 167 7.42 -0.56 1.66
CA GLY B 167 7.70 -0.36 3.08
C GLY B 167 7.94 1.12 3.30
N TRP B 168 8.85 1.64 2.49
CA TRP B 168 9.40 2.95 2.67
C TRP B 168 8.36 4.03 2.91
N SER B 169 7.30 3.97 2.13
CA SER B 169 6.37 5.07 2.13
C SER B 169 5.26 4.76 3.07
N ALA B 170 5.34 3.62 3.72
CA ALA B 170 4.28 3.28 4.68
C ALA B 170 4.77 3.34 6.11
N TYR B 171 6.08 3.47 6.30
CA TYR B 171 6.68 3.59 7.64
C TYR B 171 7.92 4.48 7.51
N GLN B 172 7.73 5.76 7.34
CA GLN B 172 8.88 6.61 7.13
C GLN B 172 9.44 6.88 8.52
N GLU B 173 8.65 7.57 9.37
CA GLU B 173 8.98 7.75 10.79
C GLU B 173 9.91 6.62 11.25
N GLU B 174 9.56 5.38 10.97
CA GLU B 174 10.30 4.26 11.52
C GLU B 174 11.52 3.77 10.71
N LEU B 175 11.40 3.67 9.40
CA LEU B 175 12.57 3.37 8.61
C LEU B 175 13.51 4.57 8.51
N ALA B 176 13.05 5.72 9.00
CA ALA B 176 13.87 6.93 9.03
C ALA B 176 15.05 6.78 10.01
N GLY B 177 15.01 5.73 10.83
CA GLY B 177 15.94 5.56 11.94
C GLY B 177 17.03 4.51 11.85
N LEU B 178 17.93 4.65 10.88
CA LEU B 178 19.31 4.17 11.06
C LEU B 178 20.22 4.64 9.95
N PRO B 179 21.39 5.23 10.32
CA PRO B 179 22.34 5.61 9.28
C PRO B 179 22.72 4.43 8.38
N PHE B 180 21.98 4.33 7.29
CA PHE B 180 22.48 3.84 6.04
C PHE B 180 22.18 5.06 5.18
N ASN B 181 23.03 5.36 4.21
CA ASN B 181 22.60 6.26 3.15
C ASN B 181 21.54 5.60 2.27
N THR B 182 20.70 6.47 1.70
CA THR B 182 19.46 6.05 1.05
C THR B 182 19.13 6.98 -0.11
N ALA B 183 18.45 6.45 -1.10
CA ALA B 183 18.07 7.21 -2.28
C ALA B 183 16.71 6.73 -2.82
N ASP B 184 15.79 7.67 -3.00
CA ASP B 184 14.45 7.44 -3.62
C ASP B 184 14.58 6.57 -4.87
N SER B 185 13.48 5.97 -5.33
CA SER B 185 13.63 4.99 -6.41
C SER B 185 12.65 4.91 -7.57
N GLU B 186 11.48 5.54 -7.47
CA GLU B 186 10.43 5.36 -8.52
C GLU B 186 9.97 3.90 -8.71
N VAL B 187 10.45 2.97 -7.86
CA VAL B 187 10.15 1.52 -7.94
C VAL B 187 9.21 1.13 -6.81
N LEU B 188 8.16 0.35 -7.11
CA LEU B 188 7.27 -0.06 -6.01
C LEU B 188 7.04 -1.56 -5.88
N TYR B 189 6.92 -2.23 -7.00
CA TYR B 189 6.51 -3.60 -7.03
C TYR B 189 7.49 -4.37 -7.87
N PRO B 190 7.59 -5.65 -7.66
CA PRO B 190 8.41 -6.34 -8.63
C PRO B 190 7.77 -6.32 -10.04
N ASP B 191 8.58 -6.67 -11.05
CA ASP B 191 8.07 -6.84 -12.38
C ASP B 191 8.65 -8.07 -13.02
N SER B 192 7.86 -8.75 -13.86
CA SER B 192 8.33 -9.95 -14.58
C SER B 192 9.44 -9.70 -15.58
N GLN B 193 9.57 -8.45 -16.04
CA GLN B 193 10.77 -7.97 -16.76
C GLN B 193 11.96 -8.55 -16.06
N ASP B 194 12.15 -8.12 -14.80
CA ASP B 194 13.37 -8.42 -14.06
C ASP B 194 13.45 -9.85 -13.60
N ILE B 195 12.32 -10.36 -13.10
CA ILE B 195 12.23 -11.75 -12.67
C ILE B 195 12.81 -12.74 -13.69
N VAL B 196 12.48 -12.55 -14.97
CA VAL B 196 13.07 -13.36 -16.04
C VAL B 196 14.60 -13.34 -15.98
N ILE B 197 15.19 -12.13 -15.98
CA ILE B 197 16.66 -11.94 -16.04
C ILE B 197 17.30 -12.52 -14.77
N LEU B 198 16.52 -12.68 -13.71
CA LEU B 198 17.02 -13.39 -12.53
C LEU B 198 16.98 -14.90 -12.72
N ALA B 199 15.92 -15.36 -13.40
CA ALA B 199 15.70 -16.79 -13.71
C ALA B 199 16.66 -17.29 -14.74
N LYS B 200 17.07 -16.41 -15.64
CA LYS B 200 17.97 -16.74 -16.75
C LYS B 200 19.35 -17.14 -16.23
N GLN B 201 19.63 -16.82 -14.97
CA GLN B 201 20.92 -17.14 -14.36
C GLN B 201 20.83 -18.32 -13.39
N GLU B 202 19.63 -18.63 -12.91
CA GLU B 202 19.41 -19.88 -12.17
C GLU B 202 19.60 -21.10 -13.10
N LEU B 203 19.09 -20.99 -14.33
CA LEU B 203 19.31 -22.03 -15.33
C LEU B 203 20.81 -22.33 -15.44
N GLU B 204 21.62 -21.29 -15.69
CA GLU B 204 23.07 -21.41 -15.87
C GLU B 204 23.85 -21.83 -14.61
N LYS B 205 23.13 -22.04 -13.51
CA LYS B 205 23.72 -22.58 -12.29
C LYS B 205 23.12 -23.95 -11.98
N GLY B 206 22.21 -24.40 -12.84
CA GLY B 206 21.48 -25.66 -12.67
C GLY B 206 20.62 -25.71 -11.42
N ASN B 207 19.91 -24.62 -11.15
CA ASN B 207 19.20 -24.47 -9.88
C ASN B 207 17.65 -24.37 -10.02
N THR B 208 17.11 -25.26 -10.85
CA THR B 208 15.65 -25.36 -11.03
C THR B 208 15.09 -26.56 -10.29
N VAL B 209 13.93 -26.36 -9.69
CA VAL B 209 13.14 -27.43 -9.13
C VAL B 209 12.49 -28.25 -10.27
N PRO B 210 11.70 -29.28 -9.91
CA PRO B 210 10.92 -30.02 -10.89
C PRO B 210 9.71 -29.21 -11.40
N VAL B 211 8.51 -29.60 -10.97
CA VAL B 211 7.26 -28.97 -11.41
C VAL B 211 6.29 -28.94 -10.26
N GLU B 212 6.51 -29.80 -9.28
CA GLU B 212 5.69 -29.80 -8.06
C GLU B 212 6.50 -29.37 -6.83
N GLU B 213 7.01 -28.14 -6.89
CA GLU B 213 7.92 -27.57 -5.89
C GLU B 213 7.27 -27.32 -4.52
N ALA C 2 -15.89 -38.64 -24.04
CA ALA C 2 -16.33 -38.01 -22.76
C ALA C 2 -15.19 -37.96 -21.74
N LYS C 3 -14.07 -37.36 -22.13
CA LYS C 3 -12.87 -37.30 -21.27
C LYS C 3 -12.70 -35.96 -20.49
N ILE C 4 -13.12 -35.94 -19.22
CA ILE C 4 -13.12 -34.69 -18.39
C ILE C 4 -12.29 -34.74 -17.06
N LEU C 5 -11.48 -33.71 -16.83
CA LEU C 5 -10.71 -33.68 -15.62
C LEU C 5 -11.09 -32.46 -14.79
N ALA C 6 -11.46 -32.72 -13.54
CA ALA C 6 -11.88 -31.69 -12.62
C ALA C 6 -10.91 -31.48 -11.46
N ILE C 7 -10.85 -30.24 -11.00
CA ILE C 7 -10.15 -29.90 -9.80
C ILE C 7 -11.14 -29.22 -8.89
N ASP C 8 -11.07 -29.46 -7.59
CA ASP C 8 -11.78 -28.61 -6.64
C ASP C 8 -10.85 -28.23 -5.50
N THR C 9 -10.88 -26.95 -5.10
CA THR C 9 -10.11 -26.54 -3.94
C THR C 9 -10.93 -25.75 -2.93
N ALA C 10 -12.26 -25.94 -2.99
CA ALA C 10 -13.18 -24.94 -2.41
C ALA C 10 -13.31 -24.94 -0.85
N THR C 11 -13.29 -26.12 -0.25
CA THR C 11 -13.50 -26.20 1.19
C THR C 11 -12.29 -26.85 1.80
N GLU C 12 -12.49 -27.75 2.76
CA GLU C 12 -11.36 -28.34 3.45
C GLU C 12 -10.80 -29.53 2.68
N ASN C 13 -11.56 -29.92 1.66
CA ASN C 13 -11.32 -31.14 0.88
C ASN C 13 -10.72 -30.74 -0.43
N CYS C 14 -9.50 -31.20 -0.68
CA CYS C 14 -8.81 -30.95 -1.95
C CYS C 14 -9.02 -32.14 -2.87
N SER C 15 -9.71 -31.98 -3.99
CA SER C 15 -10.00 -33.19 -4.75
C SER C 15 -9.90 -33.06 -6.23
N VAL C 16 -9.43 -34.14 -6.84
CA VAL C 16 -9.13 -34.23 -8.24
C VAL C 16 -9.70 -35.53 -8.76
N ALA C 17 -10.45 -35.49 -9.85
CA ALA C 17 -10.91 -36.76 -10.43
C ALA C 17 -11.02 -36.73 -11.94
N LEU C 18 -11.19 -37.90 -12.56
CA LEU C 18 -11.10 -38.06 -14.01
C LEU C 18 -12.10 -39.08 -14.57
N LEU C 19 -13.00 -38.59 -15.42
CA LEU C 19 -13.97 -39.45 -16.08
C LEU C 19 -13.37 -39.84 -17.40
N VAL C 20 -13.12 -41.13 -17.58
CA VAL C 20 -12.78 -41.62 -18.90
C VAL C 20 -13.76 -42.76 -19.18
N ASN C 21 -14.81 -42.40 -19.93
CA ASN C 21 -15.91 -43.29 -20.31
C ASN C 21 -16.51 -44.03 -19.14
N ASP C 22 -17.32 -43.32 -18.35
CA ASP C 22 -18.08 -43.91 -17.25
C ASP C 22 -17.19 -44.70 -16.29
N GLN C 23 -16.08 -44.09 -15.93
CA GLN C 23 -15.10 -44.70 -15.06
C GLN C 23 -14.41 -43.53 -14.36
N VAL C 24 -14.89 -43.20 -13.17
CA VAL C 24 -14.31 -42.10 -12.45
C VAL C 24 -13.31 -42.60 -11.41
N ILE C 25 -12.03 -42.40 -11.73
CA ILE C 25 -10.98 -42.66 -10.77
C ILE C 25 -10.76 -41.37 -9.98
N SER C 26 -11.11 -41.42 -8.70
CA SER C 26 -11.21 -40.24 -7.84
C SER C 26 -9.97 -40.13 -6.99
N ARG C 27 -9.48 -38.92 -6.81
CA ARG C 27 -8.49 -38.72 -5.76
C ARG C 27 -8.98 -37.63 -4.82
N SER C 28 -8.79 -37.85 -3.52
CA SER C 28 -9.26 -36.90 -2.54
C SER C 28 -8.24 -36.78 -1.42
N GLU C 29 -8.19 -35.60 -0.82
CA GLU C 29 -7.43 -35.39 0.40
C GLU C 29 -8.04 -34.26 1.22
N VAL C 30 -8.43 -34.61 2.44
CA VAL C 30 -9.02 -33.66 3.37
C VAL C 30 -7.84 -32.82 3.92
N ALA C 31 -7.73 -31.61 3.38
CA ALA C 31 -6.47 -30.83 3.33
C ALA C 31 -6.26 -29.85 4.49
N PRO C 32 -5.08 -29.16 4.49
CA PRO C 32 -4.61 -28.29 5.56
C PRO C 32 -4.68 -26.79 5.22
N ARG C 33 -3.78 -26.03 5.88
CA ARG C 33 -3.44 -24.64 5.52
C ARG C 33 -2.98 -24.46 4.03
N ASP C 34 -2.50 -25.53 3.37
CA ASP C 34 -2.12 -25.41 1.97
C ASP C 34 -2.85 -26.35 1.02
N HIS C 35 -2.66 -26.09 -0.28
CA HIS C 35 -3.35 -26.77 -1.36
C HIS C 35 -2.49 -27.10 -2.56
N THR C 36 -1.70 -26.13 -3.01
CA THR C 36 -0.88 -26.29 -4.24
C THR C 36 -0.20 -27.66 -4.29
N LYS C 37 0.52 -27.94 -3.18
CA LYS C 37 1.43 -29.07 -3.02
C LYS C 37 0.83 -30.43 -3.27
N LYS C 38 -0.49 -30.51 -3.22
CA LYS C 38 -1.18 -31.79 -3.40
C LYS C 38 -1.96 -31.85 -4.73
N VAL C 39 -2.31 -30.68 -5.29
CA VAL C 39 -3.24 -30.67 -6.41
C VAL C 39 -2.54 -31.20 -7.65
N LEU C 40 -1.33 -30.75 -7.94
CA LEU C 40 -0.69 -31.26 -9.15
C LEU C 40 -0.44 -32.76 -9.08
N PRO C 41 0.26 -33.22 -8.02
CA PRO C 41 0.61 -34.64 -7.97
C PRO C 41 -0.60 -35.55 -8.17
N MET C 42 -1.76 -35.16 -7.63
CA MET C 42 -3.01 -35.93 -7.78
C MET C 42 -3.47 -35.97 -9.25
N VAL C 43 -3.36 -34.84 -9.95
CA VAL C 43 -3.74 -34.74 -11.35
C VAL C 43 -2.81 -35.65 -12.14
N ASP C 44 -1.53 -35.64 -11.77
CA ASP C 44 -0.56 -36.60 -12.31
C ASP C 44 -0.94 -38.08 -12.02
N GLU C 45 -1.29 -38.38 -10.75
CA GLU C 45 -1.73 -39.71 -10.33
C GLU C 45 -2.90 -40.19 -11.16
N VAL C 46 -4.03 -39.51 -11.04
CA VAL C 46 -5.19 -39.64 -11.94
C VAL C 46 -4.88 -40.01 -13.42
N LEU C 47 -3.91 -39.32 -14.03
CA LEU C 47 -3.67 -39.46 -15.46
C LEU C 47 -2.81 -40.67 -15.84
N LYS C 48 -1.79 -40.98 -15.02
CA LYS C 48 -0.94 -42.15 -15.26
C LYS C 48 -1.80 -43.38 -15.11
N GLU C 49 -2.58 -43.42 -14.03
CA GLU C 49 -3.59 -44.48 -13.83
C GLU C 49 -4.76 -44.35 -14.83
N ALA C 50 -4.43 -44.18 -16.11
CA ALA C 50 -5.43 -43.97 -17.17
C ALA C 50 -4.79 -43.76 -18.55
N GLY C 51 -3.48 -43.54 -18.57
CA GLY C 51 -2.75 -43.33 -19.81
C GLY C 51 -3.20 -42.15 -20.68
N LEU C 52 -3.92 -41.19 -20.08
CA LEU C 52 -4.33 -39.96 -20.79
C LEU C 52 -3.32 -38.85 -20.52
N THR C 53 -3.29 -37.85 -21.41
CA THR C 53 -2.58 -36.60 -21.20
C THR C 53 -3.60 -35.45 -21.18
N LEU C 54 -3.14 -34.25 -20.80
CA LEU C 54 -4.02 -33.08 -20.74
C LEU C 54 -4.72 -32.82 -22.08
N GLN C 55 -3.97 -32.98 -23.17
CA GLN C 55 -4.56 -32.79 -24.50
C GLN C 55 -5.40 -33.99 -24.98
N ASP C 56 -5.41 -35.06 -24.21
CA ASP C 56 -6.36 -36.16 -24.44
C ASP C 56 -7.78 -35.75 -24.05
N LEU C 57 -7.91 -35.15 -22.87
CA LEU C 57 -9.19 -34.69 -22.30
C LEU C 57 -9.89 -33.67 -23.21
N ASP C 58 -11.21 -33.70 -23.24
CA ASP C 58 -11.93 -32.74 -24.08
C ASP C 58 -12.69 -31.68 -23.31
N ALA C 59 -12.37 -31.56 -22.02
CA ALA C 59 -12.90 -30.50 -21.13
C ALA C 59 -12.15 -30.52 -19.81
N LEU C 60 -11.97 -29.34 -19.19
CA LEU C 60 -11.42 -29.30 -17.84
C LEU C 60 -12.29 -28.50 -16.90
N ALA C 61 -12.78 -29.19 -15.87
CA ALA C 61 -13.82 -28.67 -15.00
C ALA C 61 -13.30 -28.23 -13.61
N PHE C 62 -14.10 -27.46 -12.88
CA PHE C 62 -13.62 -26.87 -11.66
C PHE C 62 -14.75 -26.40 -10.75
N GLY C 63 -14.50 -26.49 -9.44
CA GLY C 63 -15.33 -25.84 -8.47
C GLY C 63 -15.27 -24.33 -8.68
N ARG C 64 -16.39 -23.76 -9.09
CA ARG C 64 -16.47 -22.31 -9.21
C ARG C 64 -16.70 -21.64 -7.84
N GLY C 65 -16.79 -22.40 -6.75
CA GLY C 65 -17.27 -21.79 -5.46
C GLY C 65 -18.81 -21.68 -5.32
N PRO C 66 -19.32 -21.15 -4.18
CA PRO C 66 -18.67 -20.49 -3.06
C PRO C 66 -17.84 -21.48 -2.26
N GLY C 67 -17.34 -21.04 -1.11
CA GLY C 67 -16.30 -21.77 -0.41
C GLY C 67 -15.20 -20.80 -0.03
N SER C 68 -14.01 -21.29 0.31
CA SER C 68 -13.00 -20.39 0.77
C SER C 68 -12.44 -19.50 -0.32
N PHE C 69 -12.38 -18.22 -0.02
CA PHE C 69 -11.83 -17.23 -0.92
C PHE C 69 -10.48 -17.60 -1.49
N THR C 70 -9.51 -17.87 -0.64
CA THR C 70 -8.17 -18.13 -1.16
C THR C 70 -8.24 -19.39 -1.98
N GLY C 71 -8.84 -20.41 -1.36
CA GLY C 71 -8.83 -21.72 -1.90
C GLY C 71 -9.54 -21.70 -3.21
N VAL C 72 -10.73 -21.15 -3.27
CA VAL C 72 -11.46 -21.20 -4.51
C VAL C 72 -10.73 -20.40 -5.62
N ARG C 73 -10.00 -19.35 -5.29
CA ARG C 73 -9.15 -18.83 -6.32
C ARG C 73 -8.00 -19.77 -6.77
N ILE C 74 -7.06 -20.11 -5.91
CA ILE C 74 -6.05 -21.10 -6.22
C ILE C 74 -6.47 -22.26 -7.22
N GLY C 75 -7.52 -23.01 -6.93
CA GLY C 75 -7.80 -24.12 -7.86
C GLY C 75 -8.20 -23.66 -9.26
N ILE C 76 -8.97 -22.58 -9.34
CA ILE C 76 -9.35 -21.96 -10.58
C ILE C 76 -8.03 -21.57 -11.24
N GLY C 77 -7.10 -21.04 -10.49
CA GLY C 77 -5.83 -20.72 -11.10
C GLY C 77 -5.04 -21.92 -11.69
N ILE C 78 -5.18 -23.09 -11.11
CA ILE C 78 -4.46 -24.20 -11.67
C ILE C 78 -5.30 -24.62 -12.84
N ALA C 79 -6.60 -24.69 -12.62
CA ALA C 79 -7.52 -25.11 -13.65
C ALA C 79 -7.42 -24.26 -14.92
N GLN C 80 -6.90 -23.05 -14.85
CA GLN C 80 -6.70 -22.28 -16.09
C GLN C 80 -5.33 -22.60 -16.69
N GLY C 81 -4.28 -22.35 -15.92
CA GLY C 81 -2.96 -22.90 -16.18
C GLY C 81 -2.99 -24.20 -16.98
N LEU C 82 -3.63 -25.27 -16.48
CA LEU C 82 -3.61 -26.55 -17.26
C LEU C 82 -4.51 -26.51 -18.47
N ALA C 83 -5.67 -25.87 -18.41
CA ALA C 83 -6.47 -25.76 -19.59
C ALA C 83 -5.62 -25.09 -20.64
N PHE C 84 -5.08 -23.91 -20.31
CA PHE C 84 -4.44 -23.04 -21.32
C PHE C 84 -3.50 -23.81 -22.22
N GLY C 85 -2.79 -24.78 -21.63
CA GLY C 85 -1.70 -25.50 -22.30
C GLY C 85 -2.10 -26.75 -23.09
N ALA C 86 -3.33 -27.19 -22.90
CA ALA C 86 -3.88 -28.26 -23.67
C ALA C 86 -4.99 -27.68 -24.53
N GLU C 87 -5.03 -26.35 -24.63
CA GLU C 87 -6.07 -25.61 -25.37
C GLU C 87 -7.52 -26.05 -25.07
N LEU C 88 -7.76 -26.49 -23.83
CA LEU C 88 -9.07 -27.02 -23.38
C LEU C 88 -10.17 -26.01 -23.12
N PRO C 89 -11.42 -26.35 -23.53
CA PRO C 89 -12.56 -25.58 -23.07
C PRO C 89 -12.71 -25.84 -21.58
N MET C 90 -13.48 -25.04 -20.86
CA MET C 90 -13.59 -25.20 -19.41
C MET C 90 -15.00 -25.23 -18.90
N ILE C 91 -15.18 -25.80 -17.70
CA ILE C 91 -16.52 -25.97 -17.09
C ILE C 91 -16.56 -25.64 -15.57
N GLY C 92 -17.09 -24.47 -15.20
CA GLY C 92 -17.22 -24.07 -13.78
C GLY C 92 -18.43 -24.76 -13.17
N VAL C 93 -18.30 -25.21 -11.93
CA VAL C 93 -19.34 -26.08 -11.36
C VAL C 93 -19.61 -25.71 -9.89
N SER C 94 -20.90 -25.48 -9.58
CA SER C 94 -21.27 -24.90 -8.31
C SER C 94 -20.97 -25.85 -7.17
N THR C 95 -20.14 -25.40 -6.22
CA THR C 95 -19.85 -26.22 -5.04
C THR C 95 -21.13 -26.76 -4.42
N LEU C 96 -22.21 -25.98 -4.46
CA LEU C 96 -23.42 -26.38 -3.73
C LEU C 96 -24.05 -27.56 -4.45
N ALA C 97 -24.35 -27.37 -5.73
CA ALA C 97 -24.98 -28.42 -6.51
C ALA C 97 -24.05 -29.61 -6.55
N ALA C 98 -22.74 -29.35 -6.60
CA ALA C 98 -21.78 -30.43 -6.46
C ALA C 98 -22.14 -31.32 -5.25
N MET C 99 -22.40 -30.72 -4.10
CA MET C 99 -22.65 -31.51 -2.90
C MET C 99 -24.02 -32.16 -2.94
N ALA C 100 -24.88 -31.68 -3.86
CA ALA C 100 -26.18 -32.32 -4.06
C ALA C 100 -25.95 -33.67 -4.73
N GLN C 101 -25.06 -33.69 -5.72
CA GLN C 101 -24.74 -34.93 -6.41
C GLN C 101 -24.15 -35.99 -5.47
N ALA C 102 -23.24 -35.60 -4.58
CA ALA C 102 -22.68 -36.53 -3.58
C ALA C 102 -23.80 -37.21 -2.80
N SER C 103 -24.73 -36.38 -2.34
CA SER C 103 -25.91 -36.82 -1.59
C SER C 103 -26.79 -37.78 -2.41
N TYR C 104 -26.75 -37.71 -3.74
CA TYR C 104 -27.36 -38.75 -4.58
C TYR C 104 -26.46 -39.96 -4.53
N ARG C 105 -25.18 -39.76 -4.85
CA ARG C 105 -24.21 -40.84 -4.97
C ARG C 105 -24.16 -41.86 -3.81
N LEU C 106 -24.42 -41.38 -2.59
CA LEU C 106 -24.35 -42.20 -1.39
C LEU C 106 -25.72 -42.55 -0.79
N HIS C 107 -26.66 -41.62 -0.90
CA HIS C 107 -27.92 -41.71 -0.19
C HIS C 107 -29.12 -41.79 -1.12
N GLY C 108 -28.91 -41.46 -2.40
CA GLY C 108 -30.00 -41.47 -3.39
C GLY C 108 -31.09 -40.47 -3.03
N ALA C 109 -30.68 -39.24 -2.74
CA ALA C 109 -31.62 -38.22 -2.33
C ALA C 109 -31.92 -37.36 -3.54
N THR C 110 -33.19 -37.04 -3.72
CA THR C 110 -33.52 -36.13 -4.79
C THR C 110 -33.70 -34.74 -4.23
N ASP C 111 -33.90 -34.66 -2.93
CA ASP C 111 -34.14 -33.37 -2.30
C ASP C 111 -33.02 -32.88 -1.40
N VAL C 112 -32.19 -31.99 -1.96
CA VAL C 112 -30.95 -31.58 -1.28
C VAL C 112 -30.93 -30.10 -0.87
N ALA C 113 -30.58 -29.91 0.39
CA ALA C 113 -30.46 -28.63 0.98
C ALA C 113 -29.00 -28.52 1.35
N VAL C 114 -28.27 -27.69 0.60
CA VAL C 114 -26.86 -27.46 0.82
C VAL C 114 -26.71 -26.20 1.66
N ALA C 115 -25.97 -26.29 2.76
CA ALA C 115 -25.56 -25.09 3.48
C ALA C 115 -24.10 -25.25 3.79
N ILE C 116 -23.32 -24.27 3.33
CA ILE C 116 -21.87 -24.23 3.53
C ILE C 116 -21.61 -23.16 4.57
N ASP C 117 -20.78 -23.47 5.57
CA ASP C 117 -20.43 -22.44 6.55
C ASP C 117 -19.59 -21.32 5.95
N ALA C 118 -20.23 -20.24 5.49
CA ALA C 118 -19.47 -19.03 5.15
C ALA C 118 -18.66 -18.57 6.37
N ARG C 119 -17.78 -17.58 6.25
CA ARG C 119 -17.21 -17.10 7.51
C ARG C 119 -18.07 -16.00 8.13
N MET C 120 -17.59 -15.38 9.20
CA MET C 120 -18.30 -14.30 9.90
C MET C 120 -19.85 -14.40 9.86
N SER C 121 -20.38 -15.51 10.36
CA SER C 121 -21.78 -15.63 10.82
C SER C 121 -22.79 -15.78 9.71
N GLU C 122 -22.31 -16.06 8.51
CA GLU C 122 -23.22 -16.22 7.39
C GLU C 122 -23.06 -17.60 6.77
N VAL C 123 -23.91 -17.92 5.79
CA VAL C 123 -23.96 -19.25 5.24
C VAL C 123 -24.11 -19.20 3.72
N TYR C 124 -23.38 -20.04 2.98
CA TYR C 124 -23.64 -20.18 1.55
C TYR C 124 -24.70 -21.19 1.50
N TRP C 125 -25.81 -20.83 0.86
CA TRP C 125 -26.99 -21.70 0.74
C TRP C 125 -27.70 -21.79 -0.62
N ALA C 126 -28.08 -23.01 -1.00
CA ALA C 126 -29.05 -23.24 -2.08
C ALA C 126 -29.85 -24.49 -1.74
N ARG C 127 -30.88 -24.74 -2.53
CA ARG C 127 -31.60 -26.04 -2.54
C ARG C 127 -31.77 -26.47 -4.00
N TYR C 128 -31.54 -27.74 -4.26
CA TYR C 128 -31.74 -28.28 -5.59
C TYR C 128 -32.62 -29.51 -5.54
N SER C 129 -33.17 -29.85 -6.69
CA SER C 129 -34.20 -30.90 -6.82
C SER C 129 -34.01 -31.71 -8.12
N ARG C 130 -33.64 -32.98 -7.97
CA ARG C 130 -33.32 -33.84 -9.07
C ARG C 130 -34.54 -34.04 -9.96
N GLN C 131 -34.51 -33.46 -11.16
CA GLN C 131 -35.59 -33.69 -12.14
C GLN C 131 -35.30 -34.95 -12.93
N GLU C 132 -36.32 -35.43 -13.64
CA GLU C 132 -36.31 -36.75 -14.31
C GLU C 132 -35.06 -37.04 -15.13
N ASN C 133 -34.64 -36.05 -15.93
CA ASN C 133 -33.42 -36.15 -16.73
C ASN C 133 -32.14 -36.51 -15.95
N GLY C 134 -32.07 -36.10 -14.68
CA GLY C 134 -30.88 -36.30 -13.85
C GLY C 134 -30.26 -34.95 -13.52
N GLU C 135 -30.86 -33.91 -14.11
CA GLU C 135 -30.51 -32.52 -13.84
C GLU C 135 -31.05 -32.09 -12.46
N TRP C 136 -30.74 -30.87 -12.01
CA TRP C 136 -31.20 -30.37 -10.71
C TRP C 136 -31.95 -29.02 -10.76
N ILE C 137 -33.28 -29.05 -10.80
CA ILE C 137 -34.08 -27.81 -10.71
C ILE C 137 -33.60 -27.05 -9.50
N GLY C 138 -33.31 -25.76 -9.67
CA GLY C 138 -32.89 -24.95 -8.53
C GLY C 138 -34.08 -24.48 -7.74
N VAL C 139 -34.37 -25.19 -6.64
CA VAL C 139 -35.54 -24.86 -5.78
C VAL C 139 -35.35 -23.56 -4.96
N ASP C 140 -34.10 -23.15 -4.82
CA ASP C 140 -33.73 -21.84 -4.29
C ASP C 140 -32.40 -21.36 -4.93
N GLU C 141 -32.35 -20.06 -5.23
CA GLU C 141 -31.21 -19.40 -5.85
C GLU C 141 -30.00 -19.45 -4.92
N GLU C 142 -28.81 -19.46 -5.50
CA GLU C 142 -27.62 -19.48 -4.68
C GLU C 142 -27.59 -18.19 -3.89
N CYS C 143 -27.37 -18.29 -2.58
CA CYS C 143 -27.36 -17.13 -1.67
C CYS C 143 -26.20 -17.15 -0.67
N VAL C 144 -26.01 -16.02 -0.01
CA VAL C 144 -25.20 -15.91 1.21
C VAL C 144 -26.00 -15.17 2.31
N ILE C 145 -26.44 -15.90 3.34
CA ILE C 145 -27.37 -15.34 4.31
C ILE C 145 -26.92 -15.66 5.68
N PRO C 146 -27.23 -14.77 6.65
CA PRO C 146 -27.05 -15.09 8.05
C PRO C 146 -28.20 -15.99 8.38
N PRO C 147 -27.91 -17.21 8.87
CA PRO C 147 -28.89 -18.31 8.93
C PRO C 147 -30.16 -17.90 9.65
N ALA C 148 -30.02 -17.06 10.67
CA ALA C 148 -31.19 -16.48 11.31
C ALA C 148 -32.19 -15.99 10.25
N ARG C 149 -31.76 -15.08 9.37
CA ARG C 149 -32.63 -14.47 8.38
C ARG C 149 -33.21 -15.52 7.47
N LEU C 150 -32.39 -16.47 7.05
CA LEU C 150 -32.87 -17.58 6.23
C LEU C 150 -34.16 -18.21 6.82
N ALA C 151 -34.14 -18.45 8.14
CA ALA C 151 -35.23 -19.12 8.83
C ALA C 151 -36.57 -18.39 8.67
N GLU C 152 -36.57 -17.05 8.74
CA GLU C 152 -37.83 -16.27 8.71
C GLU C 152 -38.29 -15.86 7.30
N GLU C 153 -37.34 -15.91 6.35
CA GLU C 153 -37.64 -15.88 4.91
C GLU C 153 -38.13 -17.27 4.47
N ALA C 154 -38.73 -17.32 3.28
CA ALA C 154 -39.21 -18.58 2.66
C ALA C 154 -39.79 -19.60 3.66
N GLN C 155 -41.13 -19.60 3.78
CA GLN C 155 -41.88 -20.67 4.41
C GLN C 155 -41.69 -21.91 3.53
N ALA C 156 -41.74 -21.66 2.22
CA ALA C 156 -41.62 -22.66 1.17
C ALA C 156 -42.49 -23.90 1.40
N ASP C 157 -41.87 -25.07 1.26
CA ASP C 157 -42.58 -26.31 1.01
C ASP C 157 -42.87 -27.16 2.25
N SER C 158 -43.16 -28.43 1.98
CA SER C 158 -43.22 -29.51 2.96
C SER C 158 -42.71 -30.80 2.30
N LYS C 159 -41.41 -31.04 2.49
CA LYS C 159 -40.67 -32.10 1.82
C LYS C 159 -39.46 -32.49 2.65
N THR C 160 -38.95 -33.71 2.43
CA THR C 160 -37.77 -34.23 3.12
C THR C 160 -36.45 -33.89 2.41
N TRP C 161 -35.86 -32.76 2.79
CA TRP C 161 -34.58 -32.31 2.26
C TRP C 161 -33.43 -32.89 3.05
N THR C 162 -32.54 -33.63 2.37
CA THR C 162 -31.32 -34.13 3.01
C THR C 162 -30.30 -33.03 3.00
N THR C 163 -29.84 -32.73 4.19
CA THR C 163 -29.03 -31.56 4.47
C THR C 163 -27.57 -31.90 4.20
N ALA C 164 -26.88 -31.06 3.44
CA ALA C 164 -25.42 -31.22 3.26
C ALA C 164 -24.57 -29.96 3.50
N GLY C 165 -23.26 -30.17 3.68
CA GLY C 165 -22.33 -29.05 3.89
C GLY C 165 -22.34 -28.50 5.29
N THR C 166 -21.28 -27.78 5.63
CA THR C 166 -20.95 -27.45 7.02
C THR C 166 -21.80 -26.37 7.67
N GLY C 167 -22.78 -25.82 6.96
CA GLY C 167 -23.63 -24.83 7.54
C GLY C 167 -24.42 -25.48 8.66
N TRP C 168 -24.94 -26.67 8.38
CA TRP C 168 -25.78 -27.39 9.33
C TRP C 168 -25.20 -27.56 10.74
N SER C 169 -23.93 -27.90 10.81
CA SER C 169 -23.35 -28.29 12.08
C SER C 169 -22.74 -27.12 12.79
N ALA C 170 -22.76 -25.97 12.12
CA ALA C 170 -22.20 -24.74 12.66
C ALA C 170 -23.27 -23.73 13.11
N TYR C 171 -24.53 -23.99 12.74
CA TYR C 171 -25.68 -23.14 13.12
C TYR C 171 -26.94 -24.00 13.25
N GLN C 172 -26.92 -24.93 14.17
CA GLN C 172 -28.08 -25.76 14.40
C GLN C 172 -29.21 -24.92 15.02
N GLU C 173 -28.97 -24.41 16.23
CA GLU C 173 -29.86 -23.47 16.84
C GLU C 173 -30.68 -22.73 15.80
N GLU C 174 -30.02 -22.21 14.77
CA GLU C 174 -30.64 -21.30 13.83
C GLU C 174 -31.25 -21.95 12.60
N LEU C 175 -30.57 -22.93 11.99
CA LEU C 175 -31.17 -23.66 10.88
C LEU C 175 -32.24 -24.61 11.41
N ALA C 176 -32.27 -24.79 12.73
CA ALA C 176 -33.29 -25.62 13.36
C ALA C 176 -34.70 -25.01 13.16
N GLY C 177 -34.77 -23.79 12.65
CA GLY C 177 -36.04 -23.08 12.59
C GLY C 177 -36.65 -22.84 11.22
N LEU C 178 -37.11 -23.92 10.58
CA LEU C 178 -38.26 -23.85 9.67
C LEU C 178 -38.69 -25.22 9.22
N PRO C 179 -40.01 -25.51 9.36
CA PRO C 179 -40.47 -26.78 8.84
C PRO C 179 -40.11 -26.94 7.36
N PHE C 180 -38.99 -27.58 7.14
CA PHE C 180 -38.81 -28.42 6.00
C PHE C 180 -38.43 -29.69 6.73
N ASN C 181 -38.83 -30.84 6.20
CA ASN C 181 -38.24 -32.08 6.68
C ASN C 181 -36.78 -32.19 6.25
N THR C 182 -36.01 -32.88 7.08
CA THR C 182 -34.55 -32.87 6.98
C THR C 182 -33.97 -34.23 7.35
N ALA C 183 -32.83 -34.54 6.74
CA ALA C 183 -32.14 -35.78 7.01
C ALA C 183 -30.62 -35.61 7.00
N ASP C 184 -29.97 -36.08 8.07
CA ASP C 184 -28.50 -36.16 8.19
C ASP C 184 -27.90 -36.75 6.92
N SER C 185 -26.62 -36.48 6.68
CA SER C 185 -26.06 -36.83 5.37
C SER C 185 -24.66 -37.45 5.24
N GLU C 186 -23.83 -37.46 6.27
CA GLU C 186 -22.42 -37.94 6.16
C GLU C 186 -21.59 -37.19 5.09
N VAL C 187 -22.16 -36.12 4.52
CA VAL C 187 -21.56 -35.29 3.48
C VAL C 187 -21.13 -33.89 4.02
N LEU C 188 -19.89 -33.48 3.76
CA LEU C 188 -19.47 -32.18 4.24
C LEU C 188 -19.01 -31.23 3.11
N TYR C 189 -18.26 -31.76 2.18
CA TYR C 189 -17.59 -30.91 1.25
C TYR C 189 -17.89 -31.42 -0.13
N PRO C 190 -17.75 -30.57 -1.15
CA PRO C 190 -17.87 -31.17 -2.46
C PRO C 190 -16.69 -32.09 -2.77
N ASP C 191 -16.87 -32.88 -3.82
CA ASP C 191 -15.81 -33.75 -4.31
C ASP C 191 -15.81 -33.78 -5.82
N SER C 192 -14.60 -33.84 -6.39
CA SER C 192 -14.39 -33.94 -7.84
C SER C 192 -14.95 -35.20 -8.51
N GLN C 193 -15.20 -36.25 -7.71
CA GLN C 193 -16.05 -37.35 -8.13
C GLN C 193 -17.26 -36.79 -8.84
N ASP C 194 -18.13 -36.16 -8.06
CA ASP C 194 -19.42 -35.71 -8.54
C ASP C 194 -19.35 -34.54 -9.50
N ILE C 195 -18.45 -33.60 -9.19
CA ILE C 195 -18.20 -32.45 -10.06
C ILE C 195 -18.09 -32.82 -11.54
N VAL C 196 -17.33 -33.88 -11.82
CA VAL C 196 -17.19 -34.40 -13.17
C VAL C 196 -18.54 -34.76 -13.82
N ILE C 197 -19.33 -35.58 -13.11
CA ILE C 197 -20.64 -36.05 -13.55
C ILE C 197 -21.61 -34.87 -13.74
N LEU C 198 -21.31 -33.74 -13.13
CA LEU C 198 -22.09 -32.54 -13.37
C LEU C 198 -21.60 -31.87 -14.65
N ALA C 199 -20.29 -31.97 -14.87
CA ALA C 199 -19.62 -31.33 -16.00
C ALA C 199 -19.87 -32.12 -17.26
N LYS C 200 -20.07 -33.42 -17.07
CA LYS C 200 -20.33 -34.33 -18.17
C LYS C 200 -21.66 -34.04 -18.85
N GLN C 201 -22.50 -33.24 -18.20
CA GLN C 201 -23.81 -32.90 -18.76
C GLN C 201 -23.87 -31.46 -19.28
N GLU C 202 -22.92 -30.63 -18.86
CA GLU C 202 -22.80 -29.28 -19.42
C GLU C 202 -22.31 -29.39 -20.85
N LEU C 203 -21.35 -30.28 -21.09
CA LEU C 203 -20.89 -30.61 -22.45
C LEU C 203 -22.07 -30.91 -23.37
N GLU C 204 -22.90 -31.87 -22.97
CA GLU C 204 -24.05 -32.31 -23.75
C GLU C 204 -25.16 -31.25 -23.89
N LYS C 205 -24.96 -30.10 -23.27
CA LYS C 205 -25.87 -28.96 -23.42
C LYS C 205 -25.15 -27.81 -24.12
N GLY C 206 -23.87 -28.03 -24.47
CA GLY C 206 -23.04 -27.03 -25.14
C GLY C 206 -22.81 -25.79 -24.30
N ASN C 207 -22.58 -26.01 -23.01
CA ASN C 207 -22.55 -24.91 -22.04
C ASN C 207 -21.18 -24.71 -21.39
N THR C 208 -20.15 -24.72 -22.23
CA THR C 208 -18.79 -24.46 -21.78
C THR C 208 -18.32 -23.09 -22.22
N VAL C 209 -17.61 -22.44 -21.30
CA VAL C 209 -16.88 -21.19 -21.57
C VAL C 209 -15.65 -21.48 -22.44
N PRO C 210 -14.86 -20.43 -22.76
CA PRO C 210 -13.58 -20.61 -23.45
C PRO C 210 -12.48 -21.17 -22.52
N VAL C 211 -11.54 -20.33 -22.11
CA VAL C 211 -10.43 -20.74 -21.26
C VAL C 211 -10.11 -19.60 -20.34
N GLU C 212 -10.51 -18.40 -20.73
CA GLU C 212 -10.32 -17.21 -19.90
C GLU C 212 -11.67 -16.66 -19.38
N GLU C 213 -12.35 -17.50 -18.62
CA GLU C 213 -13.69 -17.21 -18.11
C GLU C 213 -13.79 -16.11 -17.06
N ALA D 2 18.75 43.68 8.21
CA ALA D 2 18.81 42.42 9.01
C ALA D 2 17.43 41.94 9.36
N LYS D 3 16.58 41.74 8.35
CA LYS D 3 15.18 41.36 8.56
C LYS D 3 14.94 39.85 8.33
N ILE D 4 14.90 39.07 9.42
CA ILE D 4 14.73 37.59 9.36
C ILE D 4 13.47 37.03 10.11
N LEU D 5 12.77 36.09 9.49
CA LEU D 5 11.63 35.50 10.14
C LEU D 5 11.87 34.03 10.26
N ALA D 6 11.75 33.51 11.48
CA ALA D 6 12.00 32.10 11.74
C ALA D 6 10.73 31.33 12.16
N ILE D 7 10.67 30.05 11.80
CA ILE D 7 9.63 29.15 12.28
C ILE D 7 10.33 27.99 12.96
N ASP D 8 9.78 27.48 14.04
CA ASP D 8 10.24 26.18 14.52
C ASP D 8 9.04 25.30 14.88
N THR D 9 9.07 24.03 14.48
CA THR D 9 8.01 23.12 14.90
C THR D 9 8.54 21.78 15.49
N ALA D 10 9.75 21.83 16.03
CA ALA D 10 10.55 20.63 16.23
C ALA D 10 10.22 19.78 17.51
N THR D 11 9.82 20.44 18.56
CA THR D 11 9.52 19.70 19.77
C THR D 11 8.12 20.01 20.19
N GLU D 12 7.88 20.23 21.49
CA GLU D 12 6.51 20.43 21.98
C GLU D 12 6.14 21.89 21.85
N ASN D 13 7.13 22.70 21.50
CA ASN D 13 7.00 24.15 21.51
C ASN D 13 6.96 24.62 20.08
N CYS D 14 5.85 25.25 19.72
CA CYS D 14 5.67 25.80 18.38
C CYS D 14 6.03 27.26 18.39
N SER D 15 7.06 27.69 17.68
CA SER D 15 7.43 29.09 17.91
C SER D 15 7.83 29.78 16.69
N VAL D 16 7.53 31.08 16.67
CA VAL D 16 7.70 31.95 15.53
C VAL D 16 8.21 33.28 16.05
N ALA D 17 9.31 33.78 15.50
CA ALA D 17 9.77 35.11 15.88
C ALA D 17 10.36 35.91 14.73
N LEU D 18 10.61 37.19 14.96
CA LEU D 18 10.99 38.12 13.90
C LEU D 18 12.00 39.17 14.38
N LEU D 19 13.16 39.18 13.76
CA LEU D 19 14.19 40.18 14.04
C LEU D 19 14.06 41.31 13.05
N VAL D 20 13.73 42.50 13.54
CA VAL D 20 13.79 43.66 12.69
C VAL D 20 14.68 44.69 13.41
N ASN D 21 15.95 44.67 13.02
CA ASN D 21 17.00 45.51 13.59
C ASN D 21 17.10 45.44 15.10
N ASP D 22 17.67 44.34 15.59
CA ASP D 22 17.94 44.13 17.01
C ASP D 22 16.70 44.33 17.88
N GLN D 23 15.62 43.72 17.45
CA GLN D 23 14.34 43.84 18.13
C GLN D 23 13.54 42.58 17.80
N VAL D 24 13.65 41.57 18.66
CA VAL D 24 13.00 40.32 18.41
C VAL D 24 11.68 40.26 19.14
N ILE D 25 10.62 40.44 18.36
CA ILE D 25 9.29 40.19 18.86
C ILE D 25 8.99 38.67 18.69
N SER D 26 8.82 38.01 19.82
CA SER D 26 8.75 36.56 19.86
C SER D 26 7.33 36.11 20.01
N ARG D 27 6.94 35.06 19.31
CA ARG D 27 5.70 34.38 19.68
C ARG D 27 5.98 32.92 19.98
N SER D 28 5.33 32.41 21.00
CA SER D 28 5.55 31.02 21.40
C SER D 28 4.25 30.38 21.85
N GLU D 29 4.12 29.09 21.62
CA GLU D 29 3.04 28.31 22.18
C GLU D 29 3.49 26.88 22.40
N VAL D 30 3.37 26.44 23.65
CA VAL D 30 3.73 25.09 24.03
C VAL D 30 2.55 24.19 23.58
N ALA D 31 2.77 23.52 22.45
CA ALA D 31 1.69 23.01 21.57
C ALA D 31 1.20 21.58 21.87
N PRO D 32 0.20 21.14 21.08
CA PRO D 32 -0.50 19.86 21.25
C PRO D 32 -0.17 18.80 20.19
N ARG D 33 -1.16 17.92 19.94
CA ARG D 33 -1.14 17.00 18.80
C ARG D 33 -1.10 17.71 17.42
N ASP D 34 -1.45 19.00 17.36
CA ASP D 34 -1.32 19.70 16.08
C ASP D 34 -0.41 20.93 16.11
N HIS D 35 -0.12 21.44 14.91
CA HIS D 35 0.83 22.55 14.69
C HIS D 35 0.40 23.56 13.63
N THR D 36 -0.09 23.08 12.49
CA THR D 36 -0.46 23.98 11.37
C THR D 36 -1.22 25.20 11.88
N LYS D 37 -2.31 24.91 12.62
CA LYS D 37 -3.35 25.84 13.05
C LYS D 37 -2.86 27.04 13.83
N LYS D 38 -1.64 26.95 14.33
CA LYS D 38 -1.06 28.02 15.14
C LYS D 38 0.07 28.74 14.41
N VAL D 39 0.71 28.07 13.47
CA VAL D 39 1.96 28.60 12.93
C VAL D 39 1.70 29.79 12.03
N LEU D 40 0.70 29.71 11.15
CA LEU D 40 0.41 30.87 10.30
C LEU D 40 -0.03 32.07 11.12
N PRO D 41 -1.13 31.98 11.90
CA PRO D 41 -1.59 33.14 12.66
C PRO D 41 -0.49 33.84 13.44
N MET D 42 0.45 33.09 13.99
CA MET D 42 1.60 33.68 14.70
C MET D 42 2.49 34.51 13.75
N VAL D 43 2.79 33.94 12.58
CA VAL D 43 3.58 34.64 11.57
C VAL D 43 2.86 35.93 11.18
N ASP D 44 1.55 35.85 11.06
CA ASP D 44 0.72 37.03 10.84
C ASP D 44 0.79 38.05 12.00
N GLU D 45 0.70 37.57 13.25
CA GLU D 45 0.78 38.40 14.44
C GLU D 45 2.09 39.15 14.47
N VAL D 46 3.19 38.40 14.58
CA VAL D 46 4.55 38.88 14.37
C VAL D 46 4.73 40.04 13.34
N LEU D 47 4.16 39.89 12.14
CA LEU D 47 4.37 40.84 11.05
C LEU D 47 3.55 42.12 11.12
N LYS D 48 2.28 42.00 11.54
CA LYS D 48 1.42 43.16 11.77
C LYS D 48 2.04 44.00 12.87
N GLU D 49 2.44 43.37 13.97
CA GLU D 49 3.17 44.05 15.03
C GLU D 49 4.61 44.38 14.59
N ALA D 50 4.74 45.02 13.42
CA ALA D 50 6.05 45.35 12.82
C ALA D 50 5.92 46.04 11.46
N GLY D 51 4.74 45.96 10.85
CA GLY D 51 4.49 46.51 9.51
C GLY D 51 5.35 45.98 8.37
N LEU D 52 5.95 44.79 8.52
CA LEU D 52 6.69 44.15 7.45
C LEU D 52 5.80 43.18 6.70
N THR D 53 6.20 42.84 5.47
CA THR D 53 5.61 41.74 4.72
C THR D 53 6.69 40.71 4.45
N LEU D 54 6.28 39.54 3.94
CA LEU D 54 7.21 38.46 3.61
C LEU D 54 8.33 38.97 2.70
N GLN D 55 7.95 39.75 1.70
CA GLN D 55 8.95 40.27 0.78
C GLN D 55 9.75 41.46 1.35
N ASP D 56 9.39 41.86 2.57
CA ASP D 56 10.21 42.78 3.31
C ASP D 56 11.45 42.06 3.84
N LEU D 57 11.23 40.92 4.46
CA LEU D 57 12.32 40.15 5.04
C LEU D 57 13.40 39.76 4.03
N ASP D 58 14.65 39.67 4.47
CA ASP D 58 15.73 39.25 3.56
C ASP D 58 16.31 37.86 3.84
N ALA D 59 15.55 37.07 4.60
CA ALA D 59 15.88 35.68 4.91
C ALA D 59 14.73 35.02 5.68
N LEU D 60 14.50 33.73 5.44
CA LEU D 60 13.55 32.98 6.26
C LEU D 60 14.14 31.70 6.85
N ALA D 61 14.17 31.66 8.19
CA ALA D 61 14.94 30.66 8.89
C ALA D 61 14.07 29.59 9.52
N PHE D 62 14.66 28.43 9.82
CA PHE D 62 13.86 27.32 10.36
C PHE D 62 14.65 26.32 11.18
N GLY D 63 14.01 25.74 12.19
CA GLY D 63 14.55 24.60 12.85
C GLY D 63 14.69 23.47 11.83
N ARG D 64 15.94 23.11 11.54
CA ARG D 64 16.19 21.95 10.70
C ARG D 64 16.03 20.62 11.46
N GLY D 65 15.70 20.61 12.75
CA GLY D 65 15.81 19.31 13.50
C GLY D 65 17.19 19.03 14.13
N PRO D 66 17.33 17.94 14.94
CA PRO D 66 16.45 16.82 15.20
C PRO D 66 15.30 17.26 16.02
N GLY D 67 14.43 16.34 16.40
CA GLY D 67 13.14 16.72 16.96
C GLY D 67 12.11 15.82 16.34
N SER D 68 10.84 16.15 16.48
CA SER D 68 9.84 15.18 16.07
C SER D 68 9.75 15.08 14.57
N PHE D 69 9.77 13.84 14.08
CA PHE D 69 9.67 13.56 12.66
C PHE D 69 8.55 14.28 11.95
N THR D 70 7.32 14.09 12.42
CA THR D 70 6.21 14.83 11.77
C THR D 70 6.42 16.32 11.88
N GLY D 71 6.69 16.77 13.09
CA GLY D 71 6.68 18.15 13.36
C GLY D 71 7.79 18.79 12.58
N VAL D 72 8.98 18.20 12.60
CA VAL D 72 10.07 18.92 12.00
C VAL D 72 9.84 19.02 10.49
N ARG D 73 9.23 18.00 9.88
CA ARG D 73 8.78 18.17 8.49
C ARG D 73 7.74 19.29 8.29
N ILE D 74 6.51 19.14 8.78
CA ILE D 74 5.57 20.26 8.80
C ILE D 74 6.17 21.72 8.77
N GLY D 75 6.96 22.12 9.76
CA GLY D 75 7.42 23.52 9.77
C GLY D 75 8.35 23.87 8.62
N ILE D 76 9.22 22.92 8.25
CA ILE D 76 10.05 23.09 7.08
C ILE D 76 9.07 23.30 5.91
N GLY D 77 8.08 22.43 5.79
CA GLY D 77 7.06 22.67 4.78
C GLY D 77 6.40 24.05 4.75
N ILE D 78 6.17 24.67 5.89
CA ILE D 78 5.59 25.98 5.83
C ILE D 78 6.68 26.95 5.46
N ALA D 79 7.83 26.77 6.12
CA ALA D 79 8.98 27.60 5.86
C ALA D 79 9.38 27.64 4.37
N GLN D 80 9.07 26.60 3.60
CA GLN D 80 9.33 26.64 2.15
C GLN D 80 8.22 27.36 1.43
N GLY D 81 7.01 26.83 1.51
CA GLY D 81 5.82 27.60 1.16
C GLY D 81 5.98 29.12 1.24
N LEU D 82 6.34 29.68 2.40
CA LEU D 82 6.38 31.14 2.55
C LEU D 82 7.60 31.71 1.96
N ALA D 83 8.72 30.98 1.93
CA ALA D 83 9.92 31.47 1.26
C ALA D 83 9.62 31.62 -0.22
N PHE D 84 9.10 30.54 -0.83
CA PHE D 84 8.91 30.45 -2.27
C PHE D 84 8.23 31.66 -2.84
N GLY D 85 7.25 32.19 -2.08
CA GLY D 85 6.37 33.28 -2.51
C GLY D 85 6.85 34.71 -2.27
N ALA D 86 7.91 34.83 -1.48
CA ALA D 86 8.58 36.10 -1.30
C ALA D 86 9.96 36.00 -1.93
N GLU D 87 10.19 34.94 -2.71
CA GLU D 87 11.49 34.66 -3.33
C GLU D 87 12.70 34.74 -2.35
N LEU D 88 12.47 34.40 -1.08
CA LEU D 88 13.48 34.43 0.00
C LEU D 88 14.54 33.33 -0.02
N PRO D 89 15.79 33.71 0.30
CA PRO D 89 16.79 32.70 0.63
C PRO D 89 16.39 32.11 1.95
N MET D 90 16.99 30.99 2.34
CA MET D 90 16.59 30.29 3.57
C MET D 90 17.74 29.84 4.45
N ILE D 91 17.44 29.66 5.74
CA ILE D 91 18.47 29.31 6.73
C ILE D 91 18.02 28.19 7.70
N GLY D 92 18.51 26.97 7.50
CA GLY D 92 18.23 25.87 8.43
C GLY D 92 19.05 26.06 9.69
N VAL D 93 18.51 25.70 10.85
CA VAL D 93 19.20 26.01 12.09
C VAL D 93 19.02 24.88 13.09
N SER D 94 20.14 24.41 13.66
CA SER D 94 20.10 23.19 14.46
C SER D 94 19.28 23.35 15.73
N THR D 95 18.26 22.51 15.91
CA THR D 95 17.52 22.50 17.20
C THR D 95 18.43 22.48 18.41
N LEU D 96 19.55 21.77 18.31
CA LEU D 96 20.44 21.61 19.48
C LEU D 96 21.16 22.93 19.81
N ALA D 97 21.89 23.45 18.82
CA ALA D 97 22.59 24.70 19.00
C ALA D 97 21.57 25.77 19.34
N ALA D 98 20.40 25.70 18.71
CA ALA D 98 19.32 26.59 19.09
C ALA D 98 19.13 26.66 20.64
N MET D 99 19.08 25.51 21.30
CA MET D 99 18.83 25.49 22.72
C MET D 99 20.07 25.96 23.48
N ALA D 100 21.22 25.90 22.82
CA ALA D 100 22.43 26.42 23.45
C ALA D 100 22.30 27.95 23.61
N GLN D 101 21.80 28.61 22.58
CA GLN D 101 21.55 30.04 22.60
C GLN D 101 20.57 30.48 23.69
N ALA D 102 19.46 29.76 23.83
CA ALA D 102 18.51 30.03 24.91
C ALA D 102 19.27 30.01 26.24
N SER D 103 20.06 28.96 26.43
CA SER D 103 20.87 28.79 27.65
C SER D 103 21.84 29.97 27.90
N TYR D 104 22.27 30.65 26.84
CA TYR D 104 22.98 31.92 27.01
C TYR D 104 21.98 32.99 27.43
N ARG D 105 20.92 33.12 26.64
CA ARG D 105 19.92 34.18 26.82
C ARG D 105 19.37 34.37 28.24
N LEU D 106 19.26 33.28 28.98
CA LEU D 106 18.68 33.31 30.32
C LEU D 106 19.72 33.13 31.41
N HIS D 107 20.75 32.33 31.12
CA HIS D 107 21.69 31.89 32.15
C HIS D 107 23.12 32.37 31.92
N GLY D 108 23.42 32.81 30.69
CA GLY D 108 24.75 33.25 30.32
C GLY D 108 25.75 32.11 30.39
N ALA D 109 25.40 30.99 29.77
CA ALA D 109 26.25 29.81 29.83
C ALA D 109 27.03 29.73 28.54
N THR D 110 28.33 29.46 28.65
CA THR D 110 29.10 29.27 27.44
C THR D 110 29.24 27.80 27.16
N ASP D 111 29.01 26.98 28.17
CA ASP D 111 29.19 25.55 28.03
C ASP D 111 27.91 24.77 28.10
N VAL D 112 27.41 24.38 26.93
CA VAL D 112 26.06 23.81 26.84
C VAL D 112 26.07 22.36 26.31
N ALA D 113 25.37 21.52 27.06
CA ALA D 113 25.18 20.15 26.68
C ALA D 113 23.69 19.98 26.37
N VAL D 114 23.38 19.80 25.10
CA VAL D 114 21.99 19.65 24.69
C VAL D 114 21.70 18.17 24.56
N ALA D 115 20.60 17.74 25.16
CA ALA D 115 20.14 16.39 24.99
C ALA D 115 18.67 16.48 24.81
N ILE D 116 18.22 15.98 23.66
CA ILE D 116 16.81 15.99 23.31
C ILE D 116 16.32 14.58 23.40
N ASP D 117 15.16 14.36 23.98
CA ASP D 117 14.60 13.01 24.06
C ASP D 117 14.16 12.51 22.68
N ALA D 118 15.03 11.80 21.96
CA ALA D 118 14.61 10.99 20.81
C ALA D 118 13.49 10.00 21.24
N ARG D 119 12.81 9.34 20.31
CA ARG D 119 11.90 8.32 20.82
C ARG D 119 12.64 6.98 21.00
N MET D 120 11.91 5.93 21.34
CA MET D 120 12.44 4.58 21.51
C MET D 120 13.88 4.50 22.04
N SER D 121 14.09 5.12 23.21
CA SER D 121 15.23 4.84 24.09
C SER D 121 16.54 5.50 23.69
N GLU D 122 16.47 6.41 22.74
CA GLU D 122 17.68 7.07 22.31
C GLU D 122 17.58 8.59 22.55
N VAL D 123 18.65 9.31 22.26
CA VAL D 123 18.73 10.71 22.59
C VAL D 123 19.42 11.49 21.45
N TYR D 124 18.87 12.63 21.07
CA TYR D 124 19.59 13.52 20.18
C TYR D 124 20.49 14.32 21.09
N TRP D 125 21.76 14.33 20.74
CA TRP D 125 22.79 15.00 21.51
C TRP D 125 23.88 15.75 20.71
N ALA D 126 24.22 16.94 21.20
CA ALA D 126 25.50 17.56 20.87
C ALA D 126 25.97 18.31 22.11
N ARG D 127 27.20 18.85 22.04
CA ARG D 127 27.69 19.86 22.98
C ARG D 127 28.31 21.01 22.17
N TYR D 128 28.03 22.24 22.62
CA TYR D 128 28.62 23.41 21.97
C TYR D 128 29.27 24.30 23.00
N SER D 129 30.12 25.19 22.50
CA SER D 129 30.99 26.02 23.32
C SER D 129 31.15 27.40 22.67
N ARG D 130 30.55 28.39 23.33
CA ARG D 130 30.56 29.75 22.85
C ARG D 130 31.99 30.30 22.71
N GLN D 131 32.43 30.53 21.47
CA GLN D 131 33.75 31.15 21.21
C GLN D 131 33.63 32.65 21.19
N GLU D 132 34.77 33.35 21.28
CA GLU D 132 34.84 34.80 21.50
C GLU D 132 33.91 35.60 20.60
N ASN D 133 33.88 35.26 19.31
CA ASN D 133 33.00 35.92 18.34
C ASN D 133 31.52 35.94 18.71
N GLY D 134 31.06 34.91 19.42
CA GLY D 134 29.62 34.71 19.74
C GLY D 134 29.11 33.45 19.08
N GLU D 135 29.97 32.86 18.26
CA GLU D 135 29.72 31.60 17.58
C GLU D 135 29.77 30.43 18.59
N TRP D 136 29.49 29.20 18.12
CA TRP D 136 29.57 28.01 18.98
C TRP D 136 30.45 26.85 18.43
N ILE D 137 31.71 26.79 18.82
CA ILE D 137 32.57 25.64 18.48
C ILE D 137 31.81 24.38 18.84
N GLY D 138 31.73 23.45 17.90
CA GLY D 138 31.07 22.18 18.19
C GLY D 138 31.98 21.22 18.96
N VAL D 139 31.79 21.16 20.28
CA VAL D 139 32.62 20.31 21.19
C VAL D 139 32.34 18.81 21.03
N ASP D 140 31.18 18.50 20.47
CA ASP D 140 30.79 17.16 20.03
C ASP D 140 29.80 17.23 18.86
N GLU D 141 30.02 16.36 17.87
CA GLU D 141 29.21 16.29 16.66
C GLU D 141 27.78 15.92 16.99
N GLU D 142 26.85 16.40 16.17
CA GLU D 142 25.46 16.04 16.38
C GLU D 142 25.29 14.53 16.24
N CYS D 143 24.70 13.90 17.26
CA CYS D 143 24.48 12.44 17.29
C CYS D 143 23.05 12.01 17.65
N VAL D 144 22.78 10.71 17.46
CA VAL D 144 21.62 10.06 18.07
C VAL D 144 22.12 8.77 18.76
N ILE D 145 22.05 8.74 20.09
CA ILE D 145 22.66 7.65 20.85
C ILE D 145 21.73 7.18 21.95
N PRO D 146 21.82 5.87 22.29
CA PRO D 146 21.18 5.40 23.48
C PRO D 146 22.04 5.88 24.63
N PRO D 147 21.45 6.63 25.58
CA PRO D 147 22.22 7.41 26.55
C PRO D 147 23.25 6.55 27.29
N ALA D 148 22.88 5.29 27.57
CA ALA D 148 23.81 4.34 28.13
C ALA D 148 25.15 4.41 27.39
N ARG D 149 25.14 4.18 26.07
CA ARG D 149 26.36 4.14 25.27
C ARG D 149 27.09 5.45 25.32
N LEU D 150 26.35 6.55 25.32
CA LEU D 150 26.94 7.88 25.43
C LEU D 150 27.87 7.97 26.65
N ALA D 151 27.42 7.42 27.78
CA ALA D 151 28.12 7.51 29.05
C ALA D 151 29.50 6.87 29.00
N GLU D 152 29.61 5.70 28.36
CA GLU D 152 30.89 4.97 28.31
C GLU D 152 31.85 5.38 27.17
N GLU D 153 31.28 6.04 26.16
CA GLU D 153 32.03 6.78 25.12
C GLU D 153 32.49 8.13 25.70
N ALA D 154 33.43 8.78 25.02
CA ALA D 154 33.96 10.09 25.41
C ALA D 154 34.06 10.34 26.92
N GLN D 155 35.26 10.14 27.44
CA GLN D 155 35.63 10.59 28.80
C GLN D 155 35.57 12.11 28.74
N ALA D 156 36.07 12.62 27.61
CA ALA D 156 36.22 14.05 27.34
C ALA D 156 36.83 14.87 28.50
N ASP D 157 36.17 15.96 28.86
CA ASP D 157 36.80 17.06 29.59
C ASP D 157 36.59 17.05 31.11
N SER D 158 36.79 18.24 31.69
CA SER D 158 36.35 18.57 33.03
C SER D 158 35.96 20.04 33.06
N LYS D 159 34.66 20.28 32.92
CA LYS D 159 34.07 21.60 32.74
C LYS D 159 32.63 21.58 33.17
N THR D 160 32.08 22.77 33.46
CA THR D 160 30.68 22.91 33.88
C THR D 160 29.73 23.15 32.69
N TRP D 161 29.18 22.05 32.17
CA TRP D 161 28.21 22.11 31.09
C TRP D 161 26.80 22.28 31.63
N THR D 162 26.11 23.36 31.25
CA THR D 162 24.70 23.52 31.58
C THR D 162 23.87 22.70 30.61
N THR D 163 23.06 21.85 31.21
CA THR D 163 22.31 20.82 30.52
C THR D 163 21.01 21.41 30.00
N ALA D 164 20.69 21.15 28.72
CA ALA D 164 19.39 21.54 28.18
C ALA D 164 18.65 20.45 27.37
N GLY D 165 17.34 20.63 27.22
CA GLY D 165 16.53 19.72 26.40
C GLY D 165 16.08 18.51 27.20
N THR D 166 15.14 17.77 26.63
CA THR D 166 14.40 16.77 27.37
C THR D 166 15.10 15.43 27.59
N GLY D 167 16.30 15.26 27.07
CA GLY D 167 17.02 14.01 27.33
C GLY D 167 17.23 13.87 28.82
N TRP D 168 17.71 14.96 29.44
CA TRP D 168 18.14 14.98 30.83
C TRP D 168 17.13 14.42 31.82
N SER D 169 15.87 14.77 31.63
CA SER D 169 14.89 14.45 32.62
C SER D 169 14.23 13.14 32.29
N ALA D 170 14.58 12.59 31.13
CA ALA D 170 14.01 11.33 30.65
C ALA D 170 14.98 10.16 30.81
N TYR D 171 16.24 10.44 31.10
CA TYR D 171 17.27 9.41 31.30
C TYR D 171 18.30 9.88 32.30
N GLN D 172 17.86 10.10 33.52
CA GLN D 172 18.80 10.59 34.52
C GLN D 172 19.75 9.45 34.85
N GLU D 173 19.20 8.39 35.45
CA GLU D 173 19.94 7.18 35.72
C GLU D 173 21.12 7.04 34.78
N GLU D 174 20.88 7.28 33.50
CA GLU D 174 21.90 7.00 32.49
C GLU D 174 22.80 8.17 32.10
N LEU D 175 22.26 9.38 32.00
CA LEU D 175 23.10 10.52 31.75
C LEU D 175 23.79 10.93 33.04
N ALA D 176 23.39 10.32 34.13
CA ALA D 176 24.04 10.55 35.42
C ALA D 176 25.50 10.02 35.41
N GLY D 177 25.85 9.29 34.36
CA GLY D 177 27.13 8.60 34.34
C GLY D 177 28.21 9.10 33.38
N LEU D 178 28.70 10.32 33.59
CA LEU D 178 30.10 10.65 33.28
C LEU D 178 30.53 12.00 33.84
N PRO D 179 31.66 12.03 34.61
CA PRO D 179 32.13 13.34 35.06
C PRO D 179 32.31 14.32 33.91
N PHE D 180 31.26 15.08 33.67
CA PHE D 180 31.39 16.44 33.24
C PHE D 180 30.64 17.12 34.37
N ASN D 181 31.07 18.32 34.75
CA ASN D 181 30.19 19.14 35.58
C ASN D 181 28.93 19.59 34.84
N THR D 182 27.86 19.77 35.61
CA THR D 182 26.52 19.97 35.03
C THR D 182 25.71 20.94 35.87
N ALA D 183 24.80 21.64 35.20
CA ALA D 183 23.92 22.58 35.86
C ALA D 183 22.53 22.58 35.23
N ASP D 184 21.52 22.49 36.10
CA ASP D 184 20.11 22.63 35.73
C ASP D 184 19.90 23.86 34.88
N SER D 185 18.80 23.88 34.09
CA SER D 185 18.65 24.93 33.09
C SER D 185 17.30 25.66 32.88
N GLU D 186 16.17 25.17 33.38
CA GLU D 186 14.84 25.79 33.04
C GLU D 186 14.51 25.85 31.51
N VAL D 187 15.36 25.21 30.71
CA VAL D 187 15.24 25.17 29.25
C VAL D 187 14.78 23.79 28.77
N LEU D 188 13.78 23.71 27.90
CA LEU D 188 13.38 22.39 27.42
C LEU D 188 13.43 22.23 25.90
N TYR D 189 13.05 23.29 25.19
CA TYR D 189 12.80 23.17 23.80
C TYR D 189 13.47 24.32 23.14
N PRO D 190 13.79 24.22 21.84
CA PRO D 190 14.31 25.42 21.20
C PRO D 190 13.22 26.49 21.11
N ASP D 191 13.63 27.71 20.79
CA ASP D 191 12.66 28.80 20.57
C ASP D 191 13.13 29.67 19.45
N SER D 192 12.17 30.14 18.64
CA SER D 192 12.47 31.01 17.48
C SER D 192 13.15 32.34 17.87
N GLN D 193 12.99 32.73 19.13
CA GLN D 193 13.75 33.87 19.67
C GLN D 193 15.19 33.67 19.23
N ASP D 194 15.81 32.66 19.82
CA ASP D 194 17.23 32.37 19.63
C ASP D 194 17.58 31.98 18.20
N ILE D 195 16.76 31.11 17.58
CA ILE D 195 16.95 30.63 16.21
C ILE D 195 17.28 31.78 15.25
N VAL D 196 16.57 32.89 15.42
CA VAL D 196 16.81 34.07 14.64
C VAL D 196 18.27 34.59 14.80
N ILE D 197 18.67 34.76 16.06
CA ILE D 197 19.99 35.29 16.40
C ILE D 197 21.09 34.35 15.92
N LEU D 198 20.75 33.09 15.70
CA LEU D 198 21.70 32.18 15.09
C LEU D 198 21.71 32.41 13.57
N ALA D 199 20.54 32.72 13.01
CA ALA D 199 20.39 32.88 11.57
C ALA D 199 20.99 34.18 11.15
N LYS D 200 20.98 35.13 12.07
CA LYS D 200 21.45 36.49 11.80
C LYS D 200 22.95 36.51 11.56
N GLN D 201 23.63 35.43 11.93
CA GLN D 201 25.09 35.33 11.75
C GLN D 201 25.47 34.41 10.57
N GLU D 202 24.53 33.57 10.11
CA GLU D 202 24.73 32.78 8.90
C GLU D 202 24.72 33.71 7.71
N LEU D 203 23.81 34.68 7.71
CA LEU D 203 23.78 35.73 6.70
C LEU D 203 25.18 36.37 6.56
N GLU D 204 25.72 36.85 7.68
CA GLU D 204 27.01 37.55 7.71
C GLU D 204 28.22 36.65 7.39
N LYS D 205 27.94 35.37 7.15
CA LYS D 205 28.97 34.42 6.72
C LYS D 205 28.67 33.94 5.29
N GLY D 206 27.57 34.44 4.73
CA GLY D 206 27.12 34.06 3.38
C GLY D 206 26.75 32.59 3.28
N ASN D 207 26.07 32.10 4.29
CA ASN D 207 25.85 30.66 4.43
C ASN D 207 24.38 30.26 4.35
N THR D 208 23.70 30.82 3.36
CA THR D 208 22.32 30.48 3.10
C THR D 208 22.19 29.62 1.85
N VAL D 209 21.27 28.67 1.94
CA VAL D 209 20.85 27.86 0.80
C VAL D 209 19.96 28.70 -0.14
N PRO D 210 19.44 28.07 -1.22
CA PRO D 210 18.44 28.69 -2.07
C PRO D 210 17.05 28.73 -1.40
N VAL D 211 16.12 27.92 -1.91
CA VAL D 211 14.75 27.91 -1.44
C VAL D 211 14.25 26.49 -1.48
N GLU D 212 14.89 25.68 -2.31
CA GLU D 212 14.58 24.26 -2.37
C GLU D 212 15.74 23.39 -1.81
N GLU D 213 16.05 23.62 -0.55
CA GLU D 213 17.19 22.98 0.12
C GLU D 213 17.03 21.48 0.35
#